data_7S1Z
#
_entry.id   7S1Z
#
_cell.length_a   1.00
_cell.length_b   1.00
_cell.length_c   1.00
_cell.angle_alpha   90.00
_cell.angle_beta   90.00
_cell.angle_gamma   90.00
#
_symmetry.space_group_name_H-M   'P 1'
#
_entity_poly.entity_id   1
_entity_poly.type   'polypeptide(L)'
_entity_poly.pdbx_seq_one_letter_code
;GAMGSEPRPTAPSSGAPGLAGVGETPSAAALAAARVELPGTAVPSVPEDAAPASRDGGGVRDEGPAAAGDGLGRPLGPTP
SQSRFQVDLVSENAGRAAAAAAAAAAAAAAAGAGAGAKQTPADGEASGESEPAKGSEEAKGRFRVNFVDPAASSSAEDSL
SDAAGVGVDGPNVSFQNGGDTVLSEGSSLHSGGGGGSGHHQHYYYDTHTNTYYLRTFGHNTMDAVPRIDHYRHTAAQLGE
KLLRPSLAELHDELEKEPFEDGFANGEESTPTRDAVVTYTAESKGVVKFGWINGVLVRCMLNIWGVMLFIRLSWIVGQAG
IGLSVLVIMMATVVTTITGLSTSAIATNGFVRGGGAYYLISRSLGPEFGGAIGLIFAFANAVAVAMYVVGFAETVVELLK
EHSILMIDEINDIRIIGAITVVILLGISVAGMEWEAKAQIVLLVILLLAIGDFVIGTFIPLESKKPKGFFGYKSEIFNEN
FGPDFREEETFFSVFEIFFPAATGILAGANISGDLADPQSALPKGTLLAILITTLVYVGIAVSVGSCVVRDATGNVNDTI
VTELTNCTSAACKLNFDFSSCESSPCSYGLMNNFQVMSMVSGFTPLISAGIFSATLSSALASLVSAPKIFQALCKDNIYP
AFQMFAKGYGKNNEPLRGYILTFLIALGFILIAECNVIAPIISNFFLASYALINFSVFHASLAKSPGWRPAFKYYNMWIS
LLGAILCCIVMFVINWWAALLTYVIVLGLYIYVTYKKPDVNWGSSTQALTYLNALQHSIRLSGVEDHVKNFRPQCLVMTG
APNSRPALLHLVHDFTKNVGLMICGHVHMGPRRQAMKEMSIDQAKYQRWLIKNKMKAFYAPVHADDLREGAQYLMQAAGL
GRMKPNTLVLGFKKDWLQADMRDVDMYINLFHDAFDIQYGVVVIRLKEGLDISHLQGQEELLSSQEKSPGTKDVVVSVEY
SKKSDLDTSKPLSEKPITHKVEEEDGKTATQPLLKKESKGPIVPLNVADQKLLEASTQFQKKQGKNTIDVWWLFDDGGLT
LLIPYLLTTKKKWKDCKIRVFIGGKINRIDHDRRAMATLLSKFRIDFSDIMVLGDINTKPKKENIIAFEEIIEPYRLHED
DKEQDIADKMKEDEPWRITDNELELYKTKTYRQIRLNELLKEHSSTANIIVMSLPVARKGAVSSALYMAWLEALSKDLPP
ILLVRGNHQSVLTFYS
;
_entity_poly.pdbx_strand_id   A,B
#
# COMPACT_ATOMS: atom_id res chain seq x y z
N VAL A 286 -17.54 26.86 32.83
CA VAL A 286 -18.24 28.05 33.31
C VAL A 286 -17.53 29.29 32.77
N VAL A 287 -16.25 29.16 32.45
CA VAL A 287 -15.44 30.25 31.91
C VAL A 287 -15.22 29.98 30.43
N LYS A 288 -15.33 31.03 29.62
CA LYS A 288 -15.22 30.88 28.17
C LYS A 288 -14.23 31.89 27.61
N PHE A 289 -13.51 31.47 26.57
CA PHE A 289 -12.40 32.19 25.96
C PHE A 289 -12.50 32.08 24.45
N GLY A 290 -12.07 33.12 23.74
CA GLY A 290 -12.34 33.20 22.31
C GLY A 290 -11.29 33.75 21.38
N TRP A 291 -11.02 33.00 20.31
CA TRP A 291 -10.40 33.47 19.07
C TRP A 291 -8.91 33.74 19.20
N ILE A 292 -8.38 33.85 20.41
CA ILE A 292 -6.95 34.10 20.52
C ILE A 292 -6.28 33.07 21.42
N ASN A 293 -6.62 33.12 22.72
CA ASN A 293 -5.82 32.44 23.73
C ASN A 293 -5.84 30.93 23.50
N GLY A 294 -6.99 30.31 23.70
CA GLY A 294 -7.08 28.87 23.61
C GLY A 294 -6.60 28.32 22.29
N VAL A 295 -7.30 28.64 21.22
CA VAL A 295 -7.00 28.02 19.92
C VAL A 295 -5.59 28.39 19.45
N LEU A 296 -5.26 29.68 19.46
CA LEU A 296 -3.96 30.09 18.92
C LEU A 296 -2.81 29.52 19.74
N VAL A 297 -2.83 29.75 21.05
CA VAL A 297 -1.74 29.28 21.90
C VAL A 297 -1.64 27.76 21.87
N ARG A 298 -2.77 27.07 21.95
CA ARG A 298 -2.73 25.61 21.96
C ARG A 298 -2.15 25.07 20.66
N CYS A 299 -2.64 25.53 19.51
CA CYS A 299 -2.13 25.01 18.25
C CYS A 299 -0.66 25.35 18.07
N MET A 300 -0.27 26.58 18.40
CA MET A 300 1.10 27.00 18.08
C MET A 300 2.12 26.42 19.05
N LEU A 301 1.70 26.08 20.28
CA LEU A 301 2.63 25.40 21.17
C LEU A 301 2.65 23.90 20.91
N ASN A 302 1.50 23.31 20.57
CA ASN A 302 1.50 21.88 20.28
C ASN A 302 2.24 21.58 18.99
N ILE A 303 2.21 22.50 18.03
CA ILE A 303 2.98 22.31 16.80
C ILE A 303 4.47 22.46 17.06
N TRP A 304 4.86 23.25 18.05
CA TRP A 304 6.27 23.45 18.40
C TRP A 304 6.71 22.39 19.40
N GLY A 305 6.97 21.20 18.86
CA GLY A 305 7.38 20.06 19.66
C GLY A 305 8.87 19.97 19.88
N VAL A 306 9.36 18.74 20.10
CA VAL A 306 10.77 18.55 20.42
C VAL A 306 11.63 18.73 19.16
N MET A 307 11.07 18.45 17.99
CA MET A 307 11.85 18.48 16.76
C MET A 307 12.37 19.87 16.41
N LEU A 308 11.69 20.92 16.88
CA LEU A 308 12.13 22.28 16.55
C LEU A 308 13.50 22.58 17.15
N PHE A 309 13.72 22.19 18.41
CA PHE A 309 14.92 22.58 19.12
C PHE A 309 15.95 21.47 19.24
N ILE A 310 15.61 20.24 18.86
CA ILE A 310 16.53 19.12 19.04
C ILE A 310 16.91 18.51 17.70
N ARG A 311 15.91 17.98 16.98
CA ARG A 311 16.20 17.22 15.77
C ARG A 311 16.34 18.09 14.52
N LEU A 312 15.97 19.37 14.59
CA LEU A 312 16.03 20.21 13.40
C LEU A 312 17.45 20.37 12.89
N SER A 313 18.42 20.47 13.80
CA SER A 313 19.82 20.52 13.39
C SER A 313 20.21 19.26 12.64
N TRP A 314 19.77 18.09 13.13
CA TRP A 314 20.04 16.86 12.41
C TRP A 314 19.33 16.83 11.06
N ILE A 315 18.11 17.38 10.99
CA ILE A 315 17.38 17.42 9.73
C ILE A 315 18.14 18.24 8.69
N VAL A 316 18.59 19.43 9.07
CA VAL A 316 19.33 20.25 8.13
C VAL A 316 20.71 19.67 7.85
N GLY A 317 21.24 18.88 8.78
CA GLY A 317 22.49 18.19 8.52
C GLY A 317 22.36 17.14 7.44
N GLN A 318 21.29 16.35 7.49
CA GLN A 318 21.08 15.31 6.49
C GLN A 318 20.65 15.90 5.16
N ALA A 319 19.51 16.58 5.14
CA ALA A 319 19.03 17.23 3.94
C ALA A 319 19.48 18.69 3.92
N GLY A 320 20.01 19.12 2.79
CA GLY A 320 20.51 20.48 2.66
C GLY A 320 19.45 21.54 2.79
N ILE A 321 19.85 22.81 2.73
CA ILE A 321 18.90 23.91 2.88
C ILE A 321 17.85 23.85 1.78
N GLY A 322 18.29 23.68 0.54
CA GLY A 322 17.37 23.60 -0.59
C GLY A 322 16.43 22.42 -0.53
N LEU A 323 16.72 21.42 0.30
CA LEU A 323 15.82 20.29 0.52
C LEU A 323 15.13 20.33 1.86
N SER A 324 15.77 20.87 2.90
CA SER A 324 15.07 21.02 4.17
C SER A 324 13.91 22.01 4.05
N VAL A 325 14.11 23.10 3.30
CA VAL A 325 13.02 24.03 3.06
C VAL A 325 11.88 23.34 2.30
N LEU A 326 12.22 22.46 1.36
CA LEU A 326 11.19 21.74 0.62
C LEU A 326 10.44 20.77 1.54
N VAL A 327 11.15 20.11 2.45
CA VAL A 327 10.48 19.25 3.42
C VAL A 327 9.54 20.07 4.30
N ILE A 328 9.99 21.24 4.74
CA ILE A 328 9.15 22.13 5.53
C ILE A 328 7.90 22.50 4.76
N MET A 329 8.06 22.87 3.48
CA MET A 329 6.93 23.27 2.66
C MET A 329 5.96 22.11 2.43
N MET A 330 6.49 20.91 2.21
CA MET A 330 5.60 19.75 1.98
C MET A 330 4.81 19.43 3.25
N ALA A 331 5.47 19.43 4.40
CA ALA A 331 4.75 19.19 5.65
C ALA A 331 3.72 20.28 5.91
N THR A 332 4.07 21.53 5.59
CA THR A 332 3.11 22.63 5.70
C THR A 332 1.91 22.40 4.80
N VAL A 333 2.14 21.95 3.57
CA VAL A 333 1.03 21.69 2.66
C VAL A 333 0.11 20.62 3.22
N VAL A 334 0.70 19.53 3.71
CA VAL A 334 -0.11 18.44 4.26
C VAL A 334 -0.95 18.96 5.44
N THR A 335 -0.30 19.63 6.38
CA THR A 335 -1.03 20.04 7.59
C THR A 335 -2.02 21.15 7.31
N THR A 336 -1.75 22.03 6.34
CA THR A 336 -2.71 23.07 6.03
C THR A 336 -3.89 22.53 5.22
N ILE A 337 -3.68 21.49 4.41
CA ILE A 337 -4.81 20.84 3.75
C ILE A 337 -5.68 20.15 4.80
N THR A 338 -5.04 19.51 5.79
CA THR A 338 -5.83 18.93 6.88
C THR A 338 -6.55 20.00 7.69
N GLY A 339 -5.93 21.17 7.87
CA GLY A 339 -6.58 22.26 8.57
C GLY A 339 -7.80 22.79 7.82
N LEU A 340 -7.67 22.91 6.49
CA LEU A 340 -8.83 23.27 5.68
C LEU A 340 -9.90 22.20 5.76
N SER A 341 -9.48 20.93 5.79
CA SER A 341 -10.43 19.83 5.96
C SER A 341 -11.23 19.96 7.25
N THR A 342 -10.54 20.19 8.37
CA THR A 342 -11.21 20.31 9.66
C THR A 342 -11.93 21.63 9.83
N SER A 343 -11.60 22.64 9.01
CA SER A 343 -12.34 23.89 9.05
C SER A 343 -13.76 23.69 8.51
N ALA A 344 -13.90 22.91 7.44
CA ALA A 344 -15.22 22.60 6.92
C ALA A 344 -16.06 21.84 7.93
N ILE A 345 -15.42 20.93 8.68
CA ILE A 345 -16.13 20.22 9.73
C ILE A 345 -16.63 21.19 10.79
N ALA A 346 -15.77 22.11 11.21
CA ALA A 346 -16.15 23.05 12.27
C ALA A 346 -17.18 24.05 11.79
N THR A 347 -17.02 24.55 10.57
CA THR A 347 -17.92 25.58 10.05
C THR A 347 -19.33 25.05 9.80
N ASN A 348 -19.54 23.74 9.84
CA ASN A 348 -20.86 23.17 9.67
C ASN A 348 -21.74 23.51 10.87
N GLY A 349 -23.06 23.48 10.65
CA GLY A 349 -24.01 23.76 11.70
C GLY A 349 -24.09 22.64 12.72
N PHE A 350 -24.90 22.88 13.75
CA PHE A 350 -25.08 21.90 14.81
C PHE A 350 -25.91 20.72 14.32
N VAL A 351 -25.23 19.67 13.86
CA VAL A 351 -25.92 18.50 13.33
C VAL A 351 -26.57 17.75 14.50
N ARG A 352 -27.87 17.47 14.37
CA ARG A 352 -28.58 16.73 15.41
C ARG A 352 -28.17 15.27 15.50
N GLY A 353 -27.48 14.74 14.48
CA GLY A 353 -27.05 13.36 14.52
C GLY A 353 -26.05 13.10 15.64
N GLY A 354 -25.19 14.07 15.91
CA GLY A 354 -24.21 13.94 16.96
C GLY A 354 -22.97 14.79 16.75
N GLY A 355 -22.46 15.39 17.81
CA GLY A 355 -21.28 16.22 17.71
C GLY A 355 -20.00 15.44 17.87
N ALA A 356 -20.09 14.11 17.78
CA ALA A 356 -18.95 13.23 17.95
C ALA A 356 -18.49 12.60 16.65
N TYR A 357 -19.39 12.00 15.89
CA TYR A 357 -19.00 11.31 14.66
C TYR A 357 -19.80 11.75 13.44
N TYR A 358 -20.99 12.31 13.64
CA TYR A 358 -21.80 12.73 12.49
C TYR A 358 -21.13 13.83 11.70
N LEU A 359 -20.48 14.77 12.39
CA LEU A 359 -19.82 15.87 11.70
C LEU A 359 -18.69 15.37 10.80
N ILE A 360 -17.87 14.44 11.31
CA ILE A 360 -16.76 13.92 10.51
C ILE A 360 -17.28 13.15 9.32
N SER A 361 -18.28 12.29 9.54
CA SER A 361 -18.84 11.44 8.48
C SER A 361 -20.34 11.68 8.44
N ARG A 362 -20.78 12.51 7.49
CA ARG A 362 -22.20 12.79 7.32
C ARG A 362 -22.80 11.99 6.16
N SER A 363 -22.13 11.96 5.01
CA SER A 363 -22.63 11.19 3.87
C SER A 363 -22.70 9.71 4.20
N LEU A 364 -21.65 9.17 4.80
CA LEU A 364 -21.59 7.77 5.20
C LEU A 364 -21.75 7.66 6.71
N GLY A 365 -21.86 6.42 7.19
CA GLY A 365 -22.16 6.16 8.58
C GLY A 365 -21.09 6.65 9.54
N PRO A 366 -21.46 6.80 10.81
CA PRO A 366 -20.49 7.27 11.81
C PRO A 366 -19.36 6.30 12.08
N GLU A 367 -19.32 5.18 11.35
CA GLU A 367 -18.32 4.15 11.59
C GLU A 367 -16.90 4.66 11.31
N PHE A 368 -16.70 5.32 10.17
CA PHE A 368 -15.41 5.95 9.93
C PHE A 368 -15.12 7.03 10.96
N GLY A 369 -16.15 7.73 11.43
CA GLY A 369 -15.93 8.70 12.50
C GLY A 369 -15.35 8.06 13.74
N GLY A 370 -15.94 6.93 14.16
CA GLY A 370 -15.42 6.23 15.32
C GLY A 370 -14.02 5.68 15.10
N ALA A 371 -13.77 5.09 13.93
CA ALA A 371 -12.44 4.56 13.65
C ALA A 371 -11.40 5.67 13.65
N ILE A 372 -11.72 6.81 13.03
CA ILE A 372 -10.80 7.93 12.99
C ILE A 372 -10.54 8.46 14.39
N GLY A 373 -11.59 8.54 15.21
CA GLY A 373 -11.39 9.01 16.58
C GLY A 373 -10.49 8.09 17.38
N LEU A 374 -10.75 6.78 17.30
CA LEU A 374 -9.91 5.83 18.03
C LEU A 374 -8.47 5.84 17.55
N ILE A 375 -8.24 5.93 16.24
CA ILE A 375 -6.85 5.96 15.78
C ILE A 375 -6.18 7.28 16.14
N PHE A 376 -6.91 8.41 16.06
CA PHE A 376 -6.28 9.70 16.25
C PHE A 376 -6.00 9.99 17.72
N ALA A 377 -6.90 9.58 18.61
CA ALA A 377 -6.62 9.77 20.04
C ALA A 377 -5.46 8.90 20.49
N PHE A 378 -5.39 7.66 19.99
CA PHE A 378 -4.25 6.80 20.32
C PHE A 378 -2.97 7.37 19.72
N ALA A 379 -3.06 7.99 18.55
CA ALA A 379 -1.91 8.67 17.97
C ALA A 379 -1.48 9.84 18.85
N ASN A 380 -2.44 10.55 19.44
CA ASN A 380 -2.11 11.63 20.37
C ASN A 380 -1.42 11.09 21.61
N ALA A 381 -1.86 9.94 22.11
CA ALA A 381 -1.18 9.32 23.25
C ALA A 381 0.25 8.95 22.89
N VAL A 382 0.44 8.38 21.70
CA VAL A 382 1.79 8.05 21.27
C VAL A 382 2.61 9.33 21.08
N ALA A 383 1.97 10.42 20.68
CA ALA A 383 2.66 11.68 20.48
C ALA A 383 3.12 12.27 21.80
N VAL A 384 2.28 12.23 22.84
CA VAL A 384 2.72 12.71 24.14
C VAL A 384 3.84 11.82 24.67
N ALA A 385 3.75 10.51 24.40
CA ALA A 385 4.86 9.63 24.76
C ALA A 385 6.16 10.07 24.09
N MET A 386 6.12 10.34 22.79
CA MET A 386 7.32 10.79 22.06
C MET A 386 7.84 12.11 22.58
N TYR A 387 6.94 13.07 22.84
CA TYR A 387 7.36 14.39 23.30
C TYR A 387 8.04 14.29 24.66
N VAL A 388 7.47 13.50 25.57
CA VAL A 388 8.07 13.38 26.89
C VAL A 388 9.35 12.54 26.84
N VAL A 389 9.44 11.63 25.88
CA VAL A 389 10.73 10.95 25.65
C VAL A 389 11.79 11.94 25.20
N GLY A 390 11.44 12.86 24.30
CA GLY A 390 12.38 13.89 23.90
C GLY A 390 12.80 14.77 25.07
N PHE A 391 11.84 15.12 25.94
CA PHE A 391 12.16 15.88 27.13
C PHE A 391 13.15 15.11 28.01
N ALA A 392 12.89 13.82 28.21
CA ALA A 392 13.79 12.99 29.00
C ALA A 392 15.17 12.93 28.39
N GLU A 393 15.25 12.78 27.07
CA GLU A 393 16.54 12.71 26.39
C GLU A 393 17.33 14.00 26.56
N THR A 394 16.66 15.15 26.38
CA THR A 394 17.40 16.41 26.46
C THR A 394 17.81 16.71 27.90
N VAL A 395 16.97 16.39 28.89
CA VAL A 395 17.38 16.62 30.27
C VAL A 395 18.50 15.67 30.67
N VAL A 396 18.48 14.43 30.16
CA VAL A 396 19.57 13.50 30.42
C VAL A 396 20.86 14.00 29.82
N GLU A 397 20.80 14.53 28.60
CA GLU A 397 22.00 15.09 27.98
C GLU A 397 22.52 16.29 28.77
N LEU A 398 21.61 17.15 29.24
CA LEU A 398 22.04 18.31 30.01
C LEU A 398 22.71 17.90 31.31
N LEU A 399 22.15 16.90 32.00
CA LEU A 399 22.75 16.48 33.26
C LEU A 399 24.03 15.69 33.03
N LYS A 400 24.16 15.01 31.88
CA LYS A 400 25.42 14.40 31.53
C LYS A 400 26.50 15.45 31.31
N GLU A 401 26.14 16.54 30.64
CA GLU A 401 27.07 17.67 30.53
C GLU A 401 27.34 18.31 31.88
N HIS A 402 26.47 18.06 32.87
CA HIS A 402 26.64 18.58 34.21
C HIS A 402 27.64 17.69 34.95
N SER A 403 27.73 17.85 36.28
CA SER A 403 28.75 17.16 37.07
C SER A 403 28.65 15.64 36.93
N ILE A 404 27.53 15.07 37.34
CA ILE A 404 27.37 13.62 37.44
C ILE A 404 26.13 13.20 36.67
N LEU A 405 26.00 11.89 36.45
CA LEU A 405 24.88 11.32 35.72
C LEU A 405 24.44 10.04 36.38
N MET A 406 23.31 9.51 35.92
CA MET A 406 22.74 8.28 36.47
C MET A 406 23.43 7.05 35.91
N ILE A 407 22.82 5.88 36.11
CA ILE A 407 23.44 4.60 35.75
C ILE A 407 23.76 4.57 34.25
N ASP A 408 22.74 4.67 33.42
CA ASP A 408 22.93 4.54 31.98
C ASP A 408 22.18 5.66 31.27
N GLU A 409 22.81 6.21 30.23
CA GLU A 409 22.20 7.27 29.44
C GLU A 409 21.04 6.76 28.59
N ILE A 410 20.92 5.45 28.40
CA ILE A 410 19.83 4.86 27.63
C ILE A 410 18.83 4.16 28.54
N ASN A 411 19.01 4.27 29.85
CA ASN A 411 18.08 3.70 30.82
C ASN A 411 17.55 4.72 31.80
N ASP A 412 18.37 5.69 32.21
CA ASP A 412 17.88 6.76 33.08
C ASP A 412 16.84 7.62 32.37
N ILE A 413 16.91 7.69 31.04
CA ILE A 413 15.93 8.44 30.27
C ILE A 413 14.53 7.88 30.52
N ARG A 414 14.41 6.56 30.56
CA ARG A 414 13.12 5.93 30.81
C ARG A 414 12.60 6.31 32.20
N ILE A 415 13.46 6.28 33.21
CA ILE A 415 13.03 6.57 34.57
C ILE A 415 12.58 8.02 34.71
N ILE A 416 13.38 8.95 34.19
CA ILE A 416 13.02 10.36 34.30
C ILE A 416 11.77 10.65 33.47
N GLY A 417 11.62 9.99 32.32
CA GLY A 417 10.41 10.16 31.53
C GLY A 417 9.18 9.65 32.24
N ALA A 418 9.30 8.51 32.93
CA ALA A 418 8.17 8.00 33.70
C ALA A 418 7.81 8.97 34.82
N ILE A 419 8.80 9.51 35.52
CA ILE A 419 8.52 10.44 36.60
C ILE A 419 7.80 11.68 36.06
N THR A 420 8.29 12.23 34.95
CA THR A 420 7.68 13.46 34.45
C THR A 420 6.33 13.21 33.79
N VAL A 421 6.10 12.02 33.21
CA VAL A 421 4.77 11.76 32.68
C VAL A 421 3.77 11.56 33.81
N VAL A 422 4.23 10.98 34.93
CA VAL A 422 3.38 10.96 36.13
C VAL A 422 3.08 12.37 36.59
N ILE A 423 4.07 13.26 36.55
CA ILE A 423 3.86 14.64 36.96
C ILE A 423 2.82 15.32 36.06
N LEU A 424 2.93 15.13 34.74
CA LEU A 424 1.93 15.69 33.82
C LEU A 424 0.55 15.09 34.04
N LEU A 425 0.47 13.79 34.30
CA LEU A 425 -0.82 13.17 34.60
C LEU A 425 -1.44 13.80 35.84
N GLY A 426 -0.62 14.04 36.87
CA GLY A 426 -1.13 14.68 38.07
C GLY A 426 -1.57 16.12 37.85
N ILE A 427 -0.83 16.86 37.03
CA ILE A 427 -1.13 18.28 36.87
C ILE A 427 -2.28 18.52 35.89
N SER A 428 -2.52 17.60 34.96
CA SER A 428 -3.56 17.81 33.95
C SER A 428 -4.95 17.87 34.59
N VAL A 429 -5.21 16.99 35.55
CA VAL A 429 -6.53 16.92 36.16
C VAL A 429 -6.79 18.13 37.05
N ALA A 430 -5.74 18.82 37.48
CA ALA A 430 -5.87 19.89 38.47
C ALA A 430 -6.14 21.21 37.76
N GLY A 431 -7.34 21.74 37.93
CA GLY A 431 -7.66 23.09 37.50
C GLY A 431 -7.95 23.18 36.01
N MET A 432 -8.52 24.32 35.63
CA MET A 432 -8.78 24.66 34.24
C MET A 432 -8.05 25.92 33.79
N GLU A 433 -8.16 27.01 34.57
CA GLU A 433 -7.42 28.22 34.23
C GLU A 433 -5.95 28.12 34.63
N TRP A 434 -5.63 27.22 35.57
CA TRP A 434 -4.26 26.99 36.01
C TRP A 434 -3.37 26.67 34.83
N GLU A 435 -3.75 25.64 34.06
CA GLU A 435 -2.96 25.28 32.90
C GLU A 435 -3.05 26.33 31.79
N ALA A 436 -4.11 27.13 31.74
CA ALA A 436 -4.15 28.22 30.77
C ALA A 436 -3.06 29.24 31.05
N LYS A 437 -2.94 29.67 32.31
CA LYS A 437 -1.88 30.61 32.67
C LYS A 437 -0.50 29.98 32.50
N ALA A 438 -0.35 28.72 32.91
CA ALA A 438 0.92 28.03 32.72
C ALA A 438 1.28 27.96 31.24
N GLN A 439 0.29 27.71 30.39
CA GLN A 439 0.50 27.62 28.95
C GLN A 439 0.90 28.96 28.35
N ILE A 440 0.25 30.05 28.75
CA ILE A 440 0.60 31.35 28.17
C ILE A 440 2.01 31.77 28.61
N VAL A 441 2.35 31.53 29.88
CA VAL A 441 3.69 31.89 30.33
C VAL A 441 4.74 30.99 29.68
N LEU A 442 4.39 29.71 29.45
CA LEU A 442 5.29 28.82 28.73
C LEU A 442 5.53 29.31 27.32
N LEU A 443 4.47 29.80 26.66
CA LEU A 443 4.63 30.36 25.32
C LEU A 443 5.53 31.59 25.35
N VAL A 444 5.37 32.43 26.37
CA VAL A 444 6.24 33.60 26.48
C VAL A 444 7.69 33.17 26.61
N ILE A 445 7.96 32.19 27.48
CA ILE A 445 9.33 31.71 27.67
C ILE A 445 9.87 31.12 26.37
N LEU A 446 9.06 30.36 25.66
CA LEU A 446 9.51 29.71 24.43
C LEU A 446 9.84 30.74 23.36
N LEU A 447 8.99 31.75 23.21
CA LEU A 447 9.25 32.79 22.22
C LEU A 447 10.49 33.58 22.59
N LEU A 448 10.68 33.86 23.89
CA LEU A 448 11.91 34.50 24.32
C LEU A 448 13.13 33.64 24.01
N ALA A 449 13.00 32.32 24.14
CA ALA A 449 14.12 31.43 23.81
C ALA A 449 14.45 31.48 22.32
N ILE A 450 13.41 31.48 21.47
CA ILE A 450 13.68 31.59 20.03
C ILE A 450 14.35 32.92 19.70
N GLY A 451 13.86 34.01 20.30
CA GLY A 451 14.50 35.30 20.09
C GLY A 451 15.94 35.31 20.56
N ASP A 452 16.20 34.65 21.70
CA ASP A 452 17.57 34.53 22.20
C ASP A 452 18.45 33.77 21.23
N PHE A 453 17.94 32.68 20.64
CA PHE A 453 18.71 31.94 19.67
C PHE A 453 19.02 32.79 18.44
N VAL A 454 18.02 33.53 17.96
CA VAL A 454 18.22 34.38 16.78
C VAL A 454 19.26 35.46 17.08
N ILE A 455 19.19 36.06 18.28
CA ILE A 455 20.18 37.05 18.68
C ILE A 455 21.57 36.42 18.77
N GLY A 456 21.64 35.17 19.23
CA GLY A 456 22.92 34.48 19.29
C GLY A 456 23.51 34.24 17.91
N THR A 457 22.65 33.98 16.91
CA THR A 457 23.14 33.77 15.56
C THR A 457 23.87 35.00 15.03
N PHE A 458 23.38 36.19 15.36
CA PHE A 458 24.02 37.43 14.90
C PHE A 458 25.35 37.70 15.58
N ILE A 459 25.69 36.98 16.64
CA ILE A 459 26.89 37.28 17.41
C ILE A 459 27.94 36.20 17.19
N PRO A 460 28.96 36.43 16.38
CA PRO A 460 30.03 35.45 16.20
C PRO A 460 31.04 35.53 17.33
N LEU A 461 31.11 34.47 18.13
CA LEU A 461 31.98 34.42 19.29
C LEU A 461 33.19 33.55 18.99
N GLU A 462 34.39 34.10 19.23
CA GLU A 462 35.61 33.32 19.03
C GLU A 462 35.78 32.28 20.12
N SER A 463 34.95 32.34 21.17
CA SER A 463 35.05 31.38 22.27
C SER A 463 34.87 29.94 21.80
N LYS A 464 33.99 29.70 20.83
CA LYS A 464 33.82 28.37 20.23
C LYS A 464 34.02 28.51 18.72
N LYS A 465 35.28 28.54 18.31
CA LYS A 465 35.65 28.49 16.91
C LYS A 465 35.66 27.05 16.38
N PRO A 466 36.26 26.09 17.09
CA PRO A 466 36.18 24.69 16.61
C PRO A 466 34.77 24.19 16.46
N LYS A 467 33.83 24.70 17.26
CA LYS A 467 32.44 24.36 17.08
C LYS A 467 31.95 24.82 15.72
N GLY A 468 30.88 24.18 15.24
CA GLY A 468 30.38 24.44 13.89
C GLY A 468 29.99 25.88 13.62
N PHE A 469 29.64 26.62 14.67
CA PHE A 469 29.15 27.98 14.50
C PHE A 469 30.23 28.87 13.87
N PHE A 470 29.85 29.59 12.82
CA PHE A 470 30.77 30.48 12.11
C PHE A 470 30.26 31.90 11.95
N GLY A 471 28.95 32.14 11.90
CA GLY A 471 28.44 33.50 11.87
C GLY A 471 28.17 34.09 10.50
N TYR A 472 27.33 33.42 9.71
CA TYR A 472 26.90 33.92 8.40
C TYR A 472 28.08 34.14 7.45
N LYS A 473 28.72 33.03 7.08
CA LYS A 473 29.76 33.03 6.06
C LYS A 473 29.24 32.36 4.81
N SER A 474 29.53 32.98 3.66
CA SER A 474 29.01 32.45 2.39
C SER A 474 29.55 31.06 2.10
N GLU A 475 30.74 30.73 2.62
CA GLU A 475 31.25 29.37 2.49
C GLU A 475 30.34 28.38 3.20
N ILE A 476 29.81 28.75 4.37
CA ILE A 476 28.90 27.89 5.09
C ILE A 476 27.59 27.72 4.35
N PHE A 477 27.18 28.71 3.56
CA PHE A 477 25.93 28.63 2.81
C PHE A 477 26.08 27.81 1.54
N ASN A 478 27.12 28.08 0.75
CA ASN A 478 27.31 27.37 -0.51
C ASN A 478 27.50 25.87 -0.27
N GLU A 479 28.26 25.52 0.78
CA GLU A 479 28.49 24.11 1.09
C GLU A 479 27.22 23.44 1.59
N ASN A 480 26.39 24.15 2.37
CA ASN A 480 25.21 23.56 2.97
C ASN A 480 24.01 23.50 2.04
N PHE A 481 24.06 24.20 0.90
CA PHE A 481 22.91 24.25 0.01
C PHE A 481 22.61 22.90 -0.62
N GLY A 482 23.58 22.00 -0.69
CA GLY A 482 23.39 20.70 -1.28
C GLY A 482 23.19 19.61 -0.26
N PRO A 483 22.21 18.74 -0.49
CA PRO A 483 21.93 17.66 0.47
C PRO A 483 23.11 16.70 0.58
N ASP A 484 23.27 16.14 1.78
CA ASP A 484 24.34 15.19 2.06
C ASP A 484 23.84 14.24 3.13
N PHE A 485 23.32 13.09 2.69
CA PHE A 485 22.82 12.06 3.61
C PHE A 485 24.03 11.29 4.14
N ARG A 486 24.22 11.34 5.46
CA ARG A 486 25.43 10.85 6.09
C ARG A 486 25.60 9.34 6.01
N GLU A 487 24.74 8.55 6.66
CA GLU A 487 24.97 7.12 6.79
C GLU A 487 23.92 6.29 6.04
N GLU A 488 22.64 6.42 6.40
CA GLU A 488 21.63 5.58 5.76
C GLU A 488 20.32 6.30 5.46
N GLU A 489 20.18 7.57 5.78
CA GLU A 489 18.90 8.25 5.64
C GLU A 489 18.69 8.71 4.20
N THR A 490 17.43 8.93 3.86
CA THR A 490 17.03 9.43 2.55
C THR A 490 16.23 10.72 2.73
N PHE A 491 15.83 11.30 1.60
CA PHE A 491 15.03 12.53 1.65
C PHE A 491 13.69 12.28 2.33
N PHE A 492 13.04 11.17 2.02
CA PHE A 492 11.76 10.87 2.63
C PHE A 492 11.91 10.37 4.06
N SER A 493 12.98 9.65 4.37
CA SER A 493 13.22 9.24 5.74
C SER A 493 13.45 10.44 6.64
N VAL A 494 14.19 11.44 6.15
CA VAL A 494 14.34 12.69 6.89
C VAL A 494 13.00 13.37 7.08
N PHE A 495 12.17 13.39 6.03
CA PHE A 495 10.82 13.92 6.16
C PHE A 495 10.02 13.11 7.17
N GLU A 496 10.20 11.79 7.17
CA GLU A 496 9.52 10.94 8.14
C GLU A 496 9.90 11.30 9.57
N ILE A 497 11.17 11.55 9.83
CA ILE A 497 11.60 11.95 11.17
C ILE A 497 11.05 13.32 11.51
N PHE A 498 11.06 14.26 10.56
CA PHE A 498 10.70 15.63 10.86
C PHE A 498 9.20 15.83 11.02
N PHE A 499 8.39 15.02 10.34
CA PHE A 499 6.95 15.29 10.26
C PHE A 499 6.26 15.46 11.61
N PRO A 500 6.60 14.72 12.69
CA PRO A 500 5.98 15.00 14.00
C PRO A 500 5.97 16.47 14.38
N ALA A 501 6.95 17.23 13.91
CA ALA A 501 6.99 18.66 14.21
C ALA A 501 5.79 19.39 13.62
N ALA A 502 5.42 19.06 12.38
CA ALA A 502 4.36 19.75 11.67
C ALA A 502 2.98 19.14 11.93
N THR A 503 2.79 18.48 13.07
CA THR A 503 1.54 17.82 13.40
C THR A 503 1.03 18.27 14.76
N GLY A 504 -0.27 18.11 14.97
CA GLY A 504 -0.89 18.35 16.25
C GLY A 504 -1.79 19.56 16.34
N ILE A 505 -2.08 20.23 15.22
CA ILE A 505 -3.01 21.36 15.26
C ILE A 505 -4.42 20.88 15.58
N LEU A 506 -4.76 19.68 15.13
CA LEU A 506 -6.10 19.13 15.39
C LEU A 506 -6.37 18.98 16.88
N ALA A 507 -5.33 18.95 17.71
CA ALA A 507 -5.52 18.99 19.15
C ALA A 507 -6.38 20.19 19.54
N GLY A 508 -6.01 21.37 19.05
CA GLY A 508 -6.83 22.55 19.29
C GLY A 508 -8.24 22.36 18.80
N ALA A 509 -8.41 21.62 17.69
CA ALA A 509 -9.75 21.32 17.20
C ALA A 509 -10.61 20.72 18.30
N ASN A 510 -10.07 19.76 19.04
CA ASN A 510 -10.89 19.07 20.03
C ASN A 510 -11.06 19.86 21.33
N ILE A 511 -10.56 21.10 21.40
CA ILE A 511 -10.89 21.91 22.57
C ILE A 511 -12.17 22.66 22.22
N SER A 512 -12.70 22.38 21.02
CA SER A 512 -13.95 23.00 20.59
C SER A 512 -15.10 22.71 21.54
N GLY A 513 -15.04 21.57 22.24
CA GLY A 513 -16.08 21.27 23.22
C GLY A 513 -16.11 22.29 24.35
N ASP A 514 -14.96 22.81 24.74
CA ASP A 514 -14.85 23.82 25.78
C ASP A 514 -14.53 25.20 25.23
N LEU A 515 -14.78 25.42 23.93
CA LEU A 515 -14.48 26.68 23.28
C LEU A 515 -15.76 27.49 23.11
N ALA A 516 -15.62 28.81 23.18
CA ALA A 516 -16.79 29.69 23.24
C ALA A 516 -17.52 29.75 21.90
N ASP A 517 -16.84 30.21 20.84
CA ASP A 517 -17.46 30.50 19.56
C ASP A 517 -16.75 29.73 18.45
N PRO A 518 -17.14 28.47 18.23
CA PRO A 518 -16.52 27.68 17.16
C PRO A 518 -16.96 28.12 15.77
N GLN A 519 -16.46 27.40 14.75
CA GLN A 519 -16.82 27.57 13.34
C GLN A 519 -16.22 28.84 12.74
N SER A 520 -15.68 29.72 13.59
CA SER A 520 -14.85 30.82 13.12
C SER A 520 -13.49 30.75 13.79
N ALA A 521 -13.53 30.59 15.12
CA ALA A 521 -12.29 30.56 15.91
C ALA A 521 -11.42 29.38 15.52
N LEU A 522 -12.02 28.20 15.32
CA LEU A 522 -11.21 27.04 14.96
C LEU A 522 -10.46 27.26 13.65
N PRO A 523 -11.10 27.63 12.53
CA PRO A 523 -10.32 27.85 11.31
C PRO A 523 -9.36 29.02 11.41
N LYS A 524 -9.78 30.13 12.02
CA LYS A 524 -8.90 31.29 12.12
C LYS A 524 -7.63 30.95 12.89
N GLY A 525 -7.78 30.39 14.09
CA GLY A 525 -6.62 30.04 14.89
C GLY A 525 -5.76 28.97 14.24
N THR A 526 -6.39 27.95 13.65
CA THR A 526 -5.62 26.89 13.04
C THR A 526 -4.77 27.42 11.88
N LEU A 527 -5.38 28.20 10.99
CA LEU A 527 -4.66 28.73 9.84
C LEU A 527 -3.55 29.69 10.28
N LEU A 528 -3.85 30.58 11.22
CA LEU A 528 -2.82 31.51 11.66
C LEU A 528 -1.66 30.79 12.34
N ALA A 529 -1.96 29.80 13.19
CA ALA A 529 -0.89 29.04 13.84
C ALA A 529 -0.06 28.29 12.82
N ILE A 530 -0.70 27.71 11.80
CA ILE A 530 0.05 26.99 10.77
C ILE A 530 0.97 27.95 10.04
N LEU A 531 0.47 29.13 9.67
CA LEU A 531 1.30 30.10 8.96
C LEU A 531 2.50 30.52 9.80
N ILE A 532 2.26 30.85 11.07
CA ILE A 532 3.36 31.37 11.90
C ILE A 532 4.38 30.28 12.18
N THR A 533 3.92 29.04 12.41
CA THR A 533 4.85 27.97 12.69
C THR A 533 5.66 27.59 11.46
N THR A 534 5.05 27.62 10.27
CA THR A 534 5.82 27.35 9.07
C THR A 534 6.84 28.46 8.82
N LEU A 535 6.44 29.71 9.05
CA LEU A 535 7.39 30.81 8.87
C LEU A 535 8.57 30.68 9.82
N VAL A 536 8.32 30.37 11.09
CA VAL A 536 9.41 30.27 12.05
C VAL A 536 10.29 29.05 11.75
N TYR A 537 9.69 27.94 11.31
CA TYR A 537 10.49 26.79 10.92
C TYR A 537 11.40 27.13 9.75
N VAL A 538 10.87 27.81 8.73
CA VAL A 538 11.69 28.17 7.58
C VAL A 538 12.83 29.08 8.01
N GLY A 539 12.52 30.09 8.84
CA GLY A 539 13.55 31.01 9.27
C GLY A 539 14.64 30.34 10.07
N ILE A 540 14.26 29.50 11.04
CA ILE A 540 15.25 28.83 11.87
C ILE A 540 16.06 27.83 11.06
N ALA A 541 15.43 27.16 10.09
CA ALA A 541 16.16 26.22 9.25
C ALA A 541 17.21 26.94 8.42
N VAL A 542 16.83 28.08 7.82
CA VAL A 542 17.79 28.84 7.03
C VAL A 542 18.92 29.34 7.92
N SER A 543 18.59 29.86 9.11
CA SER A 543 19.62 30.38 9.99
C SER A 543 20.59 29.30 10.44
N VAL A 544 20.07 28.13 10.82
CA VAL A 544 20.94 27.06 11.30
C VAL A 544 21.77 26.48 10.15
N GLY A 545 21.21 26.46 8.94
CA GLY A 545 21.98 26.01 7.79
C GLY A 545 23.02 26.99 7.33
N SER A 546 22.88 28.27 7.67
CA SER A 546 23.83 29.29 7.25
C SER A 546 24.86 29.64 8.33
N CYS A 547 24.95 28.87 9.42
CA CYS A 547 25.87 29.24 10.49
C CYS A 547 26.79 28.09 10.89
N VAL A 548 26.59 26.89 10.35
CA VAL A 548 27.41 25.76 10.76
C VAL A 548 27.55 24.74 9.63
N VAL A 549 28.45 23.77 9.83
CA VAL A 549 28.77 22.77 8.82
C VAL A 549 28.61 21.38 9.43
N ARG A 550 28.50 20.37 8.57
CA ARG A 550 28.26 19.01 9.03
C ARG A 550 29.43 18.44 9.82
N ASP A 551 30.66 18.77 9.46
CA ASP A 551 31.83 18.14 10.05
C ASP A 551 32.63 19.16 10.83
N ALA A 552 32.88 18.86 12.10
CA ALA A 552 33.64 19.75 12.97
C ALA A 552 34.42 18.91 13.97
N THR A 553 35.74 19.08 13.97
CA THR A 553 36.61 18.39 14.94
C THR A 553 36.76 19.27 16.18
N GLY A 554 35.73 19.22 17.02
CA GLY A 554 35.68 20.03 18.22
C GLY A 554 36.80 19.73 19.20
N ASN A 555 37.77 20.63 19.29
CA ASN A 555 38.90 20.46 20.18
C ASN A 555 39.74 21.74 20.26
N VAL A 556 40.17 22.09 21.46
CA VAL A 556 41.01 23.28 21.62
C VAL A 556 42.33 23.11 20.87
N ASN A 557 42.91 21.91 20.94
CA ASN A 557 44.18 21.66 20.24
C ASN A 557 44.02 21.66 18.73
N ASP A 558 42.78 21.64 18.23
CA ASP A 558 42.54 21.69 16.79
C ASP A 558 43.12 22.97 16.18
N THR A 559 43.92 22.82 15.13
CA THR A 559 44.55 23.97 14.50
C THR A 559 43.53 24.77 13.70
N ILE A 560 43.30 26.01 14.11
CA ILE A 560 42.39 26.91 13.41
C ILE A 560 43.21 27.89 12.56
N VAL A 561 44.46 27.51 12.25
CA VAL A 561 45.34 28.39 11.50
C VAL A 561 44.81 28.63 10.10
N THR A 562 44.23 27.62 9.47
CA THR A 562 43.72 27.71 8.11
C THR A 562 44.83 28.01 7.11
N GLU A 563 45.79 27.08 7.04
CA GLU A 563 46.88 27.21 6.09
C GLU A 563 46.36 27.12 4.66
N LEU A 564 47.07 27.75 3.74
CA LEU A 564 46.66 27.81 2.33
C LEU A 564 46.90 26.45 1.69
N THR A 565 46.00 25.52 1.96
CA THR A 565 46.04 24.18 1.38
C THR A 565 44.88 24.02 0.40
N ASN A 566 44.85 22.89 -0.28
CA ASN A 566 43.77 22.62 -1.24
C ASN A 566 42.42 22.57 -0.54
N CYS A 567 42.23 21.59 0.34
CA CYS A 567 41.06 21.45 1.20
C CYS A 567 39.76 21.70 0.42
N THR A 568 39.49 20.78 -0.51
CA THR A 568 38.34 20.91 -1.40
C THR A 568 37.05 21.12 -0.62
N SER A 569 36.93 20.52 0.56
CA SER A 569 35.78 20.78 1.42
C SER A 569 35.76 22.25 1.83
N ALA A 570 34.57 22.85 1.80
CA ALA A 570 34.44 24.28 2.06
C ALA A 570 34.67 24.65 3.52
N ALA A 571 34.74 23.67 4.42
CA ALA A 571 34.89 23.97 5.85
C ALA A 571 36.16 24.76 6.13
N CYS A 572 37.22 24.49 5.35
CA CYS A 572 38.49 25.18 5.56
C CYS A 572 38.42 26.66 5.19
N LYS A 573 37.37 27.10 4.49
CA LYS A 573 37.32 28.46 4.00
C LYS A 573 37.37 29.48 5.12
N LEU A 574 36.60 29.25 6.19
CA LEU A 574 36.57 30.18 7.31
C LEU A 574 37.90 30.15 8.07
N ASN A 575 38.37 28.96 8.41
CA ASN A 575 39.61 28.81 9.17
C ASN A 575 39.95 27.32 9.22
N PHE A 576 41.05 27.00 9.91
CA PHE A 576 41.46 25.62 10.05
C PHE A 576 40.56 24.81 10.97
N ASP A 577 39.70 25.47 11.75
CA ASP A 577 38.78 24.75 12.62
C ASP A 577 37.79 23.95 11.80
N PHE A 578 37.36 22.80 12.34
CA PHE A 578 36.36 21.94 11.71
C PHE A 578 36.84 21.42 10.36
N SER A 579 38.09 20.99 10.29
CA SER A 579 38.71 20.56 9.03
C SER A 579 39.03 19.08 9.06
N SER A 580 38.46 18.33 8.12
CA SER A 580 38.88 16.97 7.78
C SER A 580 38.78 16.04 8.99
N CYS A 581 37.55 15.82 9.44
CA CYS A 581 37.26 14.78 10.42
C CYS A 581 36.41 13.65 9.82
N GLU A 582 36.46 13.48 8.50
CA GLU A 582 35.60 12.49 7.85
C GLU A 582 36.14 11.07 7.96
N SER A 583 37.37 10.88 8.43
CA SER A 583 37.93 9.54 8.54
C SER A 583 37.24 8.75 9.65
N SER A 584 37.40 9.20 10.90
CA SER A 584 36.70 8.61 12.03
C SER A 584 35.56 9.54 12.41
N PRO A 585 34.70 9.16 13.36
CA PRO A 585 33.60 10.05 13.76
C PRO A 585 34.11 11.15 14.68
N CYS A 586 34.12 12.38 14.17
CA CYS A 586 34.64 13.49 14.93
C CYS A 586 33.64 13.91 16.01
N SER A 587 33.97 15.01 16.70
CA SER A 587 33.29 15.35 17.95
C SER A 587 31.80 15.60 17.74
N TYR A 588 31.45 16.69 17.05
CA TYR A 588 30.07 17.14 16.97
C TYR A 588 29.97 18.26 15.94
N GLY A 589 28.79 18.86 15.85
CA GLY A 589 28.53 20.01 15.03
C GLY A 589 27.59 19.75 13.86
N LEU A 590 26.31 20.05 14.07
CA LEU A 590 25.27 20.03 13.05
C LEU A 590 25.02 18.62 12.51
N MET A 591 25.82 17.65 12.96
CA MET A 591 25.64 16.26 12.56
C MET A 591 25.69 15.27 13.70
N ASN A 592 26.32 15.60 14.83
CA ASN A 592 26.35 14.74 16.00
C ASN A 592 25.70 15.39 17.21
N ASN A 593 26.04 16.65 17.50
CA ASN A 593 25.45 17.35 18.64
C ASN A 593 24.00 17.69 18.34
N PHE A 594 23.06 17.02 19.01
CA PHE A 594 21.65 17.33 18.84
C PHE A 594 21.31 18.71 19.39
N GLN A 595 22.15 19.26 20.27
CA GLN A 595 21.92 20.58 20.85
C GLN A 595 22.76 21.66 20.19
N VAL A 596 22.96 21.57 18.87
CA VAL A 596 23.80 22.53 18.16
C VAL A 596 23.23 23.94 18.30
N MET A 597 21.92 24.09 18.07
CA MET A 597 21.31 25.40 18.21
C MET A 597 21.23 25.83 19.66
N SER A 598 21.21 24.88 20.59
CA SER A 598 21.31 25.23 22.01
C SER A 598 22.66 25.82 22.33
N MET A 599 23.72 25.24 21.77
CA MET A 599 25.08 25.72 22.06
C MET A 599 25.39 27.02 21.32
N VAL A 600 24.82 27.21 20.14
CA VAL A 600 25.14 28.40 19.36
C VAL A 600 24.64 29.67 20.04
N SER A 601 23.50 29.61 20.72
CA SER A 601 22.95 30.80 21.35
C SER A 601 23.67 31.10 22.66
N GLY A 602 23.68 32.39 23.02
CA GLY A 602 24.19 32.79 24.31
C GLY A 602 23.21 32.49 25.43
N PHE A 603 23.74 32.37 26.64
CA PHE A 603 22.95 32.01 27.81
C PHE A 603 22.19 30.71 27.59
N THR A 604 22.97 29.64 27.43
CA THR A 604 22.49 28.27 27.22
C THR A 604 21.37 27.86 28.17
N PRO A 605 21.35 28.33 29.42
CA PRO A 605 20.16 28.08 30.25
C PRO A 605 18.86 28.53 29.62
N LEU A 606 18.86 29.67 28.90
CA LEU A 606 17.63 30.11 28.24
C LEU A 606 17.21 29.13 27.15
N ILE A 607 18.16 28.62 26.37
CA ILE A 607 17.83 27.67 25.32
C ILE A 607 17.29 26.38 25.93
N SER A 608 17.92 25.90 27.00
CA SER A 608 17.44 24.68 27.64
C SER A 608 16.05 24.90 28.22
N ALA A 609 15.79 26.06 28.81
CA ALA A 609 14.47 26.37 29.32
C ALA A 609 13.44 26.40 28.20
N GLY A 610 13.80 26.94 27.05
CA GLY A 610 12.91 26.91 25.91
C GLY A 610 12.61 25.50 25.44
N ILE A 611 13.63 24.64 25.43
CA ILE A 611 13.42 23.24 25.05
C ILE A 611 12.45 22.57 26.02
N PHE A 612 12.66 22.79 27.32
CA PHE A 612 11.77 22.21 28.32
C PHE A 612 10.35 22.74 28.13
N SER A 613 10.21 24.04 27.86
CA SER A 613 8.90 24.62 27.66
C SER A 613 8.20 23.99 26.46
N ALA A 614 8.92 23.85 25.34
CA ALA A 614 8.31 23.25 24.15
C ALA A 614 7.87 21.82 24.43
N THR A 615 8.76 21.01 24.98
CA THR A 615 8.42 19.60 25.22
C THR A 615 7.27 19.46 26.19
N LEU A 616 7.32 20.18 27.32
CA LEU A 616 6.27 20.07 28.32
C LEU A 616 4.93 20.57 27.79
N SER A 617 4.93 21.68 27.06
CA SER A 617 3.68 22.23 26.54
C SER A 617 3.07 21.28 25.51
N SER A 618 3.88 20.76 24.59
CA SER A 618 3.35 19.83 23.60
C SER A 618 2.83 18.57 24.27
N ALA A 619 3.56 18.05 25.26
CA ALA A 619 3.11 16.85 25.96
C ALA A 619 1.80 17.10 26.70
N LEU A 620 1.69 18.23 27.39
CA LEU A 620 0.47 18.54 28.13
C LEU A 620 -0.71 18.69 27.17
N ALA A 621 -0.51 19.36 26.05
CA ALA A 621 -1.59 19.53 25.08
C ALA A 621 -2.04 18.18 24.52
N SER A 622 -1.09 17.32 24.16
CA SER A 622 -1.46 16.01 23.62
C SER A 622 -2.16 15.15 24.67
N LEU A 623 -1.69 15.20 25.92
CA LEU A 623 -2.27 14.38 26.97
C LEU A 623 -3.64 14.90 27.40
N VAL A 624 -3.91 16.19 27.19
CA VAL A 624 -5.26 16.69 27.35
C VAL A 624 -6.13 16.25 26.18
N SER A 625 -5.57 16.28 24.97
CA SER A 625 -6.37 16.03 23.77
C SER A 625 -6.83 14.59 23.68
N ALA A 626 -5.93 13.64 24.00
CA ALA A 626 -6.23 12.23 23.68
C ALA A 626 -7.42 11.69 24.48
N PRO A 627 -7.39 11.63 25.82
CA PRO A 627 -8.53 11.03 26.53
C PRO A 627 -9.79 11.85 26.42
N LYS A 628 -9.68 13.16 26.21
CA LYS A 628 -10.88 13.94 25.92
C LYS A 628 -11.55 13.48 24.64
N ILE A 629 -10.78 13.18 23.60
CA ILE A 629 -11.34 12.57 22.40
C ILE A 629 -11.90 11.18 22.69
N PHE A 630 -11.20 10.39 23.50
CA PHE A 630 -11.74 9.09 23.93
C PHE A 630 -13.15 9.26 24.49
N GLN A 631 -13.32 10.20 25.42
CA GLN A 631 -14.62 10.40 26.05
C GLN A 631 -15.64 10.99 25.09
N ALA A 632 -15.20 11.90 24.21
CA ALA A 632 -16.13 12.59 23.32
C ALA A 632 -16.71 11.64 22.28
N LEU A 633 -15.86 10.82 21.65
CA LEU A 633 -16.32 9.95 20.58
C LEU A 633 -16.68 8.55 21.07
N CYS A 634 -16.54 8.27 22.36
CA CYS A 634 -16.97 7.02 22.97
C CYS A 634 -17.70 7.32 24.27
N LYS A 635 -18.65 8.26 24.19
CA LYS A 635 -19.37 8.73 25.38
C LYS A 635 -20.15 7.64 26.08
N ASP A 636 -20.44 6.53 25.40
CA ASP A 636 -21.16 5.43 26.02
C ASP A 636 -20.29 4.58 26.93
N ASN A 637 -18.97 4.78 26.90
CA ASN A 637 -18.02 3.97 27.67
C ASN A 637 -18.25 2.48 27.40
N ILE A 638 -18.32 2.14 26.12
CA ILE A 638 -18.77 0.82 25.68
C ILE A 638 -17.79 -0.27 26.11
N TYR A 639 -16.56 -0.19 25.62
CA TYR A 639 -15.61 -1.28 25.85
C TYR A 639 -15.16 -1.35 27.31
N PRO A 640 -14.37 -0.39 27.78
CA PRO A 640 -13.84 -0.48 29.14
C PRO A 640 -14.60 0.37 30.15
N ALA A 641 -14.47 0.01 31.43
CA ALA A 641 -14.91 0.86 32.54
C ALA A 641 -13.78 0.81 33.57
N PHE A 642 -12.81 1.73 33.43
CA PHE A 642 -11.66 1.74 34.32
C PHE A 642 -12.04 2.25 35.71
N GLN A 643 -12.77 3.37 35.76
CA GLN A 643 -13.18 3.98 37.00
C GLN A 643 -14.71 4.06 37.05
N MET A 644 -15.22 4.72 38.08
CA MET A 644 -16.66 4.91 38.23
C MET A 644 -17.20 6.10 37.45
N PHE A 645 -16.36 6.73 36.63
CA PHE A 645 -16.74 7.87 35.81
C PHE A 645 -17.10 9.09 36.66
N ALA A 646 -16.87 9.00 37.97
CA ALA A 646 -17.08 10.11 38.89
C ALA A 646 -15.80 10.51 39.60
N LYS A 647 -15.06 9.54 40.14
CA LYS A 647 -13.81 9.80 40.82
C LYS A 647 -12.65 9.62 39.83
N GLY A 648 -11.42 9.69 40.33
CA GLY A 648 -10.27 9.57 39.47
C GLY A 648 -8.98 9.55 40.28
N TYR A 649 -7.87 9.75 39.59
CA TYR A 649 -6.55 9.75 40.19
C TYR A 649 -6.00 11.17 40.17
N GLY A 650 -5.62 11.67 41.34
CA GLY A 650 -5.08 13.00 41.47
C GLY A 650 -5.46 13.60 42.81
N LYS A 651 -5.13 14.88 42.96
CA LYS A 651 -5.47 15.58 44.20
C LYS A 651 -6.98 15.70 44.38
N ASN A 652 -7.70 15.98 43.29
CA ASN A 652 -9.15 16.09 43.32
C ASN A 652 -9.76 15.12 42.33
N ASN A 653 -10.88 14.50 42.72
CA ASN A 653 -11.55 13.55 41.85
C ASN A 653 -12.06 14.23 40.59
N GLU A 654 -11.85 13.58 39.45
CA GLU A 654 -12.25 14.11 38.14
C GLU A 654 -13.11 13.08 37.44
N PRO A 655 -14.32 13.44 37.00
CA PRO A 655 -15.18 12.46 36.32
C PRO A 655 -14.77 12.20 34.88
N LEU A 656 -13.49 11.92 34.65
CA LEU A 656 -12.98 11.62 33.32
C LEU A 656 -12.91 10.11 33.07
N ARG A 657 -12.16 9.39 33.89
CA ARG A 657 -12.06 7.93 33.84
C ARG A 657 -11.47 7.43 32.54
N GLY A 658 -11.01 8.33 31.68
CA GLY A 658 -10.43 7.95 30.41
C GLY A 658 -8.96 8.28 30.28
N TYR A 659 -8.41 8.95 31.29
CA TYR A 659 -7.00 9.34 31.24
C TYR A 659 -6.08 8.14 31.40
N ILE A 660 -6.54 7.12 32.13
CA ILE A 660 -5.64 6.04 32.56
C ILE A 660 -5.17 5.20 31.38
N LEU A 661 -6.04 4.95 30.40
CA LEU A 661 -5.64 4.12 29.27
C LEU A 661 -4.60 4.82 28.40
N THR A 662 -4.82 6.09 28.09
CA THR A 662 -3.84 6.86 27.33
C THR A 662 -2.53 6.99 28.09
N PHE A 663 -2.62 7.19 29.41
CA PHE A 663 -1.41 7.25 30.22
C PHE A 663 -0.65 5.94 30.17
N LEU A 664 -1.38 4.82 30.23
CA LEU A 664 -0.74 3.50 30.17
C LEU A 664 -0.06 3.28 28.83
N ILE A 665 -0.70 3.67 27.74
CA ILE A 665 -0.10 3.51 26.42
C ILE A 665 1.15 4.38 26.30
N ALA A 666 1.05 5.62 26.79
CA ALA A 666 2.20 6.52 26.75
C ALA A 666 3.36 5.96 27.55
N LEU A 667 3.08 5.42 28.74
CA LEU A 667 4.14 4.82 29.54
C LEU A 667 4.73 3.58 28.88
N GLY A 668 3.88 2.76 28.25
CA GLY A 668 4.38 1.60 27.53
C GLY A 668 5.37 1.98 26.45
N PHE A 669 5.11 3.08 25.75
CA PHE A 669 6.12 3.57 24.81
C PHE A 669 7.22 4.37 25.50
N ILE A 670 7.03 4.75 26.77
CA ILE A 670 8.14 5.27 27.56
C ILE A 670 9.17 4.19 27.81
N LEU A 671 8.73 2.94 27.99
CA LEU A 671 9.65 1.82 28.22
C LEU A 671 10.68 1.65 27.10
N ILE A 672 10.52 2.34 25.97
CA ILE A 672 11.58 2.41 24.96
C ILE A 672 12.08 3.85 24.90
N ALA A 673 13.33 4.03 24.50
CA ALA A 673 13.97 5.34 24.59
C ALA A 673 14.63 5.71 23.26
N GLU A 674 15.38 6.82 23.32
CA GLU A 674 16.20 7.35 22.22
C GLU A 674 15.35 8.02 21.15
N CYS A 675 14.01 7.88 21.25
CA CYS A 675 13.06 8.66 20.45
C CYS A 675 13.17 8.35 18.96
N ASN A 676 14.15 7.55 18.56
CA ASN A 676 14.39 7.31 17.14
C ASN A 676 13.33 6.39 16.55
N VAL A 677 12.98 5.31 17.26
CA VAL A 677 12.05 4.33 16.70
C VAL A 677 10.62 4.81 16.85
N ILE A 678 10.37 5.74 17.78
CA ILE A 678 9.01 6.20 18.03
C ILE A 678 8.43 7.04 16.90
N ALA A 679 9.23 7.91 16.29
CA ALA A 679 8.76 8.84 15.27
C ALA A 679 8.11 8.13 14.08
N PRO A 680 8.63 6.96 13.63
CA PRO A 680 7.90 6.19 12.61
C PRO A 680 6.44 5.94 12.95
N ILE A 681 6.16 5.64 14.23
CA ILE A 681 4.78 5.45 14.68
C ILE A 681 4.01 6.76 14.71
N ILE A 682 4.66 7.88 15.04
CA ILE A 682 4.00 9.17 15.02
C ILE A 682 3.56 9.53 13.61
N SER A 683 4.49 9.45 12.66
CA SER A 683 4.22 9.91 11.30
C SER A 683 3.13 9.07 10.65
N ASN A 684 3.24 7.74 10.77
CA ASN A 684 2.27 6.86 10.12
C ASN A 684 0.86 7.10 10.66
N PHE A 685 0.73 7.20 11.98
CA PHE A 685 -0.61 7.33 12.57
C PHE A 685 -1.20 8.71 12.33
N PHE A 686 -0.40 9.77 12.45
CA PHE A 686 -0.92 11.10 12.14
C PHE A 686 -1.29 11.23 10.67
N LEU A 687 -0.46 10.68 9.77
CA LEU A 687 -0.80 10.71 8.36
C LEU A 687 -2.07 9.93 8.07
N ALA A 688 -2.24 8.77 8.74
CA ALA A 688 -3.46 7.99 8.54
C ALA A 688 -4.69 8.75 9.02
N SER A 689 -4.60 9.38 10.20
CA SER A 689 -5.73 10.14 10.71
C SER A 689 -6.06 11.31 9.78
N TYR A 690 -5.05 12.02 9.30
CA TYR A 690 -5.30 13.16 8.42
C TYR A 690 -5.87 12.71 7.08
N ALA A 691 -5.36 11.61 6.54
CA ALA A 691 -5.90 11.09 5.28
C ALA A 691 -7.34 10.64 5.43
N LEU A 692 -7.65 9.98 6.54
CA LEU A 692 -9.04 9.57 6.78
C LEU A 692 -9.95 10.78 6.93
N ILE A 693 -9.49 11.81 7.64
CA ILE A 693 -10.30 13.01 7.82
C ILE A 693 -10.56 13.68 6.47
N ASN A 694 -9.51 13.80 5.65
CA ASN A 694 -9.66 14.44 4.34
C ASN A 694 -10.58 13.62 3.45
N PHE A 695 -10.43 12.29 3.45
CA PHE A 695 -11.29 11.46 2.62
C PHE A 695 -12.74 11.53 3.08
N SER A 696 -12.97 11.55 4.41
CA SER A 696 -14.33 11.64 4.91
C SER A 696 -14.98 12.98 4.55
N VAL A 697 -14.23 14.08 4.68
CA VAL A 697 -14.81 15.37 4.35
C VAL A 697 -15.05 15.48 2.84
N PHE A 698 -14.18 14.88 2.02
CA PHE A 698 -14.42 14.87 0.59
C PHE A 698 -15.66 14.05 0.25
N HIS A 699 -15.80 12.88 0.86
CA HIS A 699 -16.97 12.05 0.60
C HIS A 699 -18.25 12.73 1.04
N ALA A 700 -18.19 13.48 2.15
CA ALA A 700 -19.35 14.25 2.57
C ALA A 700 -19.70 15.35 1.58
N SER A 701 -18.72 15.83 0.81
CA SER A 701 -18.96 16.87 -0.18
C SER A 701 -19.18 16.33 -1.59
N LEU A 702 -18.93 15.03 -1.80
CA LEU A 702 -19.14 14.41 -3.10
C LEU A 702 -20.49 13.71 -3.18
N ALA A 703 -20.81 12.89 -2.18
CA ALA A 703 -22.13 12.26 -2.13
C ALA A 703 -23.20 13.31 -1.87
N LYS A 704 -24.47 12.90 -1.97
CA LYS A 704 -25.57 13.83 -1.74
C LYS A 704 -25.47 14.49 -0.37
N SER A 705 -25.37 13.68 0.70
CA SER A 705 -25.19 14.13 2.07
C SER A 705 -26.10 15.30 2.41
N PRO A 706 -27.40 15.08 2.57
CA PRO A 706 -28.32 16.21 2.80
C PRO A 706 -28.04 16.99 4.08
N GLY A 707 -27.36 16.40 5.05
CA GLY A 707 -27.00 17.07 6.27
C GLY A 707 -25.59 17.63 6.30
N TRP A 708 -24.94 17.76 5.15
CA TRP A 708 -23.54 18.22 5.11
C TRP A 708 -23.45 19.74 5.24
N ARG A 709 -23.95 20.45 4.22
CA ARG A 709 -24.08 21.90 4.20
C ARG A 709 -22.89 22.64 4.80
N PRO A 710 -21.73 22.63 4.14
CA PRO A 710 -20.58 23.40 4.66
C PRO A 710 -20.68 24.87 4.30
N ALA A 711 -20.06 25.70 5.13
CA ALA A 711 -20.16 27.16 4.99
C ALA A 711 -18.81 27.85 4.90
N PHE A 712 -17.72 27.10 4.87
CA PHE A 712 -16.39 27.72 4.80
C PHE A 712 -16.14 28.26 3.39
N LYS A 713 -15.58 29.47 3.32
CA LYS A 713 -15.43 30.15 2.04
C LYS A 713 -14.41 29.47 1.14
N TYR A 714 -13.23 29.15 1.68
CA TYR A 714 -12.12 28.64 0.88
C TYR A 714 -12.08 27.13 0.82
N TYR A 715 -13.04 26.43 1.41
CA TYR A 715 -13.03 24.96 1.40
C TYR A 715 -13.38 24.44 0.01
N ASN A 716 -12.58 23.51 -0.50
CA ASN A 716 -12.81 22.90 -1.80
C ASN A 716 -12.70 21.39 -1.67
N MET A 717 -13.53 20.66 -2.43
CA MET A 717 -13.55 19.21 -2.33
C MET A 717 -12.33 18.59 -3.01
N TRP A 718 -11.93 19.13 -4.17
CA TRP A 718 -10.82 18.54 -4.90
C TRP A 718 -9.50 18.81 -4.21
N ILE A 719 -9.38 19.95 -3.51
CA ILE A 719 -8.20 20.20 -2.70
C ILE A 719 -8.07 19.17 -1.59
N SER A 720 -9.19 18.82 -0.94
CA SER A 720 -9.15 17.80 0.10
C SER A 720 -8.83 16.43 -0.49
N LEU A 721 -9.35 16.13 -1.68
CA LEU A 721 -8.97 14.89 -2.36
C LEU A 721 -7.47 14.86 -2.59
N LEU A 722 -6.91 15.96 -3.09
CA LEU A 722 -5.48 16.01 -3.34
C LEU A 722 -4.69 15.81 -2.05
N GLY A 723 -5.15 16.43 -0.95
CA GLY A 723 -4.48 16.23 0.32
C GLY A 723 -4.52 14.79 0.79
N ALA A 724 -5.68 14.16 0.69
CA ALA A 724 -5.80 12.77 1.12
C ALA A 724 -4.92 11.85 0.29
N ILE A 725 -4.92 12.04 -1.03
CA ILE A 725 -4.08 11.23 -1.90
C ILE A 725 -2.62 11.45 -1.60
N LEU A 726 -2.22 12.71 -1.37
CA LEU A 726 -0.82 12.99 -1.04
C LEU A 726 -0.42 12.33 0.27
N CYS A 727 -1.32 12.37 1.26
CA CYS A 727 -1.04 11.70 2.53
C CYS A 727 -0.84 10.20 2.33
N CYS A 728 -1.72 9.58 1.54
CA CYS A 728 -1.60 8.14 1.30
C CYS A 728 -0.30 7.80 0.58
N ILE A 729 0.03 8.58 -0.45
CA ILE A 729 1.26 8.32 -1.22
C ILE A 729 2.48 8.47 -0.32
N VAL A 730 2.53 9.56 0.45
CA VAL A 730 3.67 9.79 1.33
C VAL A 730 3.78 8.68 2.37
N MET A 731 2.66 8.24 2.91
CA MET A 731 2.68 7.15 3.88
C MET A 731 3.24 5.88 3.25
N PHE A 732 2.81 5.55 2.04
CA PHE A 732 3.22 4.27 1.46
C PHE A 732 4.65 4.32 0.95
N VAL A 733 5.13 5.50 0.57
CA VAL A 733 6.55 5.60 0.21
C VAL A 733 7.43 5.33 1.42
N ILE A 734 7.05 5.84 2.59
CA ILE A 734 7.79 5.59 3.81
C ILE A 734 7.38 4.25 4.40
N ASN A 735 8.24 3.24 4.25
CA ASN A 735 8.07 1.95 4.91
C ASN A 735 6.72 1.33 4.53
N TRP A 736 6.61 0.98 3.25
CA TRP A 736 5.35 0.56 2.65
C TRP A 736 4.66 -0.53 3.46
N TRP A 737 5.41 -1.48 4.01
CA TRP A 737 4.77 -2.51 4.82
C TRP A 737 4.20 -1.94 6.11
N ALA A 738 4.86 -0.95 6.70
CA ALA A 738 4.29 -0.28 7.87
C ALA A 738 3.01 0.45 7.52
N ALA A 739 2.97 1.11 6.36
CA ALA A 739 1.75 1.76 5.92
C ALA A 739 0.62 0.75 5.72
N LEU A 740 0.94 -0.39 5.10
CA LEU A 740 -0.07 -1.42 4.91
C LEU A 740 -0.56 -1.95 6.24
N LEU A 741 0.35 -2.16 7.20
CA LEU A 741 -0.05 -2.65 8.51
C LEU A 741 -0.94 -1.65 9.24
N THR A 742 -0.62 -0.35 9.15
CA THR A 742 -1.46 0.62 9.85
C THR A 742 -2.82 0.78 9.19
N TYR A 743 -2.89 0.64 7.86
CA TYR A 743 -4.19 0.63 7.20
C TYR A 743 -5.00 -0.60 7.61
N VAL A 744 -4.36 -1.76 7.72
CA VAL A 744 -5.07 -2.95 8.18
C VAL A 744 -5.54 -2.76 9.63
N ILE A 745 -4.72 -2.10 10.45
CA ILE A 745 -5.10 -1.87 11.84
C ILE A 745 -6.31 -0.95 11.93
N VAL A 746 -6.32 0.14 11.18
CA VAL A 746 -7.46 1.05 11.24
C VAL A 746 -8.69 0.39 10.63
N LEU A 747 -8.51 -0.47 9.63
CA LEU A 747 -9.63 -1.23 9.08
C LEU A 747 -10.21 -2.16 10.13
N GLY A 748 -9.36 -2.89 10.84
CA GLY A 748 -9.84 -3.74 11.92
C GLY A 748 -10.55 -2.96 13.00
N LEU A 749 -10.06 -1.75 13.29
CA LEU A 749 -10.76 -0.88 14.21
C LEU A 749 -12.14 -0.50 13.68
N TYR A 750 -12.24 -0.30 12.36
CA TYR A 750 -13.53 -0.03 11.74
C TYR A 750 -14.51 -1.17 11.97
N ILE A 751 -14.10 -2.41 11.67
CA ILE A 751 -15.00 -3.54 11.92
C ILE A 751 -15.33 -3.65 13.41
N TYR A 752 -14.35 -3.43 14.28
CA TYR A 752 -14.63 -3.51 15.71
C TYR A 752 -15.70 -2.51 16.12
N VAL A 753 -15.55 -1.24 15.74
CA VAL A 753 -16.47 -0.22 16.19
C VAL A 753 -17.85 -0.40 15.55
N THR A 754 -17.91 -0.83 14.29
CA THR A 754 -19.20 -1.02 13.65
C THR A 754 -19.85 -2.35 13.99
N TYR A 755 -19.12 -3.26 14.63
CA TYR A 755 -19.66 -4.55 15.05
C TYR A 755 -20.17 -4.49 16.48
N LYS A 756 -19.38 -3.92 17.40
CA LYS A 756 -19.86 -3.74 18.76
C LYS A 756 -20.90 -2.64 18.83
N LYS A 757 -20.65 -1.53 18.13
CA LYS A 757 -21.60 -0.42 18.03
C LYS A 757 -22.04 0.10 19.39
N VAL B 286 -33.14 -17.76 -25.91
CA VAL B 286 -34.31 -18.61 -26.07
C VAL B 286 -33.96 -20.04 -25.67
N VAL B 287 -32.68 -20.38 -25.75
CA VAL B 287 -32.18 -21.70 -25.40
C VAL B 287 -31.50 -21.60 -24.04
N LYS B 288 -31.78 -22.58 -23.17
CA LYS B 288 -31.26 -22.56 -21.81
C LYS B 288 -30.62 -23.91 -21.48
N PHE B 289 -29.49 -23.84 -20.78
CA PHE B 289 -28.68 -24.99 -20.40
C PHE B 289 -28.25 -24.84 -18.95
N GLY B 290 -28.14 -25.95 -18.23
CA GLY B 290 -27.96 -25.85 -16.79
C GLY B 290 -27.05 -26.85 -16.10
N TRP B 291 -26.27 -26.33 -15.15
CA TRP B 291 -25.61 -27.09 -14.09
C TRP B 291 -24.40 -27.89 -14.57
N ILE B 292 -24.25 -28.08 -15.88
CA ILE B 292 -23.07 -28.77 -16.37
C ILE B 292 -22.36 -27.93 -17.42
N ASN B 293 -23.02 -27.77 -18.57
CA ASN B 293 -22.35 -27.30 -19.78
C ASN B 293 -21.81 -25.89 -19.57
N GLY B 294 -22.72 -24.91 -19.43
CA GLY B 294 -22.30 -23.53 -19.35
C GLY B 294 -21.29 -23.27 -18.26
N VAL B 295 -21.72 -23.39 -17.01
CA VAL B 295 -20.86 -22.99 -15.89
C VAL B 295 -19.61 -23.87 -15.84
N LEU B 296 -19.78 -25.20 -15.86
CA LEU B 296 -18.63 -26.07 -15.67
C LEU B 296 -17.62 -25.92 -16.81
N VAL B 297 -18.08 -26.08 -18.06
CA VAL B 297 -17.19 -26.02 -19.19
C VAL B 297 -16.54 -24.64 -19.30
N ARG B 298 -17.32 -23.57 -19.12
CA ARG B 298 -16.76 -22.24 -19.29
C ARG B 298 -15.72 -21.94 -18.22
N CYS B 299 -16.02 -22.26 -16.96
CA CYS B 299 -15.05 -22.00 -15.90
C CYS B 299 -13.79 -22.81 -16.11
N MET B 300 -13.93 -24.10 -16.47
CA MET B 300 -12.75 -24.95 -16.59
C MET B 300 -11.92 -24.57 -17.82
N LEU B 301 -12.58 -24.14 -18.90
CA LEU B 301 -11.83 -23.76 -20.10
C LEU B 301 -11.17 -22.39 -19.94
N ASN B 302 -11.86 -21.45 -19.31
CA ASN B 302 -11.27 -20.13 -19.11
C ASN B 302 -10.17 -20.16 -18.07
N ILE B 303 -10.28 -21.03 -17.06
CA ILE B 303 -9.23 -21.14 -16.07
C ILE B 303 -7.98 -21.76 -16.66
N TRP B 304 -8.12 -22.60 -17.69
CA TRP B 304 -6.98 -23.29 -18.29
C TRP B 304 -6.42 -22.46 -19.44
N GLY B 305 -5.64 -21.45 -19.07
CA GLY B 305 -5.07 -20.52 -20.03
C GLY B 305 -3.72 -20.93 -20.58
N VAL B 306 -2.93 -19.94 -20.99
CA VAL B 306 -1.65 -20.23 -21.62
C VAL B 306 -0.65 -20.75 -20.60
N MET B 307 -0.77 -20.32 -19.35
CA MET B 307 0.22 -20.68 -18.33
C MET B 307 0.29 -22.17 -18.07
N LEU B 308 -0.80 -22.91 -18.30
CA LEU B 308 -0.78 -24.34 -18.04
C LEU B 308 0.19 -25.07 -18.96
N PHE B 309 0.18 -24.73 -20.24
CA PHE B 309 0.95 -25.47 -21.23
C PHE B 309 2.24 -24.79 -21.65
N ILE B 310 2.46 -23.54 -21.25
CA ILE B 310 3.63 -22.80 -21.69
C ILE B 310 4.49 -22.39 -20.50
N ARG B 311 3.92 -21.58 -19.61
CA ARG B 311 4.71 -20.98 -18.54
C ARG B 311 4.92 -21.90 -17.34
N LEU B 312 4.14 -22.99 -17.24
CA LEU B 312 4.23 -23.84 -16.05
C LEU B 312 5.61 -24.48 -15.93
N SER B 313 6.21 -24.84 -17.06
CA SER B 313 7.57 -25.37 -17.01
C SER B 313 8.54 -24.35 -16.43
N TRP B 314 8.40 -23.09 -16.82
CA TRP B 314 9.25 -22.05 -16.25
C TRP B 314 8.95 -21.84 -14.77
N ILE B 315 7.67 -21.97 -14.39
CA ILE B 315 7.30 -21.83 -12.98
C ILE B 315 7.98 -22.89 -12.13
N VAL B 316 7.90 -24.16 -12.56
CA VAL B 316 8.55 -25.22 -11.79
C VAL B 316 10.06 -25.13 -11.91
N GLY B 317 10.57 -24.51 -12.98
CA GLY B 317 12.00 -24.29 -13.08
C GLY B 317 12.51 -23.31 -12.05
N GLN B 318 11.79 -22.19 -11.87
CA GLN B 318 12.23 -21.19 -10.90
C GLN B 318 11.98 -21.66 -9.46
N ALA B 319 10.73 -21.91 -9.12
CA ALA B 319 10.38 -22.41 -7.80
C ALA B 319 10.31 -23.92 -7.83
N GLY B 320 10.94 -24.56 -6.85
CA GLY B 320 10.98 -26.01 -6.77
C GLY B 320 9.60 -26.62 -6.58
N ILE B 321 9.54 -27.96 -6.55
CA ILE B 321 8.26 -28.64 -6.39
C ILE B 321 7.62 -28.25 -5.06
N GLY B 322 8.40 -28.29 -3.99
CA GLY B 322 7.88 -27.97 -2.66
C GLY B 322 7.34 -26.57 -2.52
N LEU B 323 7.71 -25.66 -3.42
CA LEU B 323 7.14 -24.33 -3.46
C LEU B 323 6.19 -24.10 -4.63
N SER B 324 6.37 -24.81 -5.75
CA SER B 324 5.40 -24.68 -6.83
C SER B 324 4.03 -25.20 -6.39
N VAL B 325 4.01 -26.33 -5.68
CA VAL B 325 2.73 -26.81 -5.16
C VAL B 325 2.15 -25.82 -4.16
N LEU B 326 3.00 -25.16 -3.37
CA LEU B 326 2.51 -24.16 -2.43
C LEU B 326 1.92 -22.95 -3.16
N VAL B 327 2.54 -22.53 -4.26
CA VAL B 327 1.98 -21.45 -5.07
C VAL B 327 0.64 -21.87 -5.65
N ILE B 328 0.56 -23.11 -6.15
CA ILE B 328 -0.71 -23.63 -6.66
C ILE B 328 -1.78 -23.56 -5.58
N MET B 329 -1.44 -24.03 -4.38
CA MET B 329 -2.41 -24.06 -3.30
C MET B 329 -2.83 -22.65 -2.86
N MET B 330 -1.88 -21.71 -2.84
CA MET B 330 -2.22 -20.35 -2.45
C MET B 330 -3.15 -19.70 -3.46
N ALA B 331 -2.83 -19.83 -4.75
CA ALA B 331 -3.71 -19.30 -5.79
C ALA B 331 -5.07 -19.96 -5.74
N THR B 332 -5.10 -21.27 -5.47
CA THR B 332 -6.36 -21.98 -5.31
C THR B 332 -7.16 -21.42 -4.15
N VAL B 333 -6.50 -21.13 -3.03
CA VAL B 333 -7.20 -20.57 -1.88
C VAL B 333 -7.81 -19.22 -2.23
N VAL B 334 -7.03 -18.36 -2.91
CA VAL B 334 -7.55 -17.06 -3.30
C VAL B 334 -8.77 -17.22 -4.20
N THR B 335 -8.66 -18.04 -5.24
CA THR B 335 -9.74 -18.13 -6.21
C THR B 335 -10.95 -18.84 -5.64
N THR B 336 -10.77 -19.79 -4.72
CA THR B 336 -11.91 -20.45 -4.11
C THR B 336 -12.59 -19.57 -3.08
N ILE B 337 -11.84 -18.70 -2.41
CA ILE B 337 -12.47 -17.71 -1.54
C ILE B 337 -13.28 -16.73 -2.38
N THR B 338 -12.75 -16.34 -3.54
CA THR B 338 -13.53 -15.50 -4.45
C THR B 338 -14.76 -16.23 -4.97
N GLY B 339 -14.65 -17.53 -5.21
CA GLY B 339 -15.81 -18.30 -5.66
C GLY B 339 -16.88 -18.39 -4.59
N LEU B 340 -16.46 -18.57 -3.33
CA LEU B 340 -17.42 -18.52 -2.24
C LEU B 340 -18.04 -17.14 -2.10
N SER B 341 -17.23 -16.10 -2.33
CA SER B 341 -17.74 -14.73 -2.33
C SER B 341 -18.83 -14.54 -3.37
N THR B 342 -18.61 -14.99 -4.59
CA THR B 342 -19.60 -14.82 -5.65
C THR B 342 -20.75 -15.81 -5.53
N SER B 343 -20.58 -16.90 -4.79
CA SER B 343 -21.70 -17.81 -4.54
C SER B 343 -22.75 -17.14 -3.67
N ALA B 344 -22.32 -16.39 -2.65
CA ALA B 344 -23.27 -15.65 -1.83
C ALA B 344 -24.01 -14.61 -2.65
N ILE B 345 -23.30 -13.95 -3.57
CA ILE B 345 -23.96 -13.00 -4.47
C ILE B 345 -25.01 -13.72 -5.32
N ALA B 346 -24.65 -14.89 -5.87
CA ALA B 346 -25.56 -15.60 -6.76
C ALA B 346 -26.73 -16.19 -5.98
N THR B 347 -26.46 -16.77 -4.82
CA THR B 347 -27.52 -17.42 -4.04
C THR B 347 -28.53 -16.43 -3.48
N ASN B 348 -28.27 -15.14 -3.54
CA ASN B 348 -29.20 -14.14 -3.07
C ASN B 348 -30.43 -14.11 -3.98
N GLY B 349 -31.55 -13.62 -3.44
CA GLY B 349 -32.77 -13.52 -4.18
C GLY B 349 -32.74 -12.41 -5.21
N PHE B 350 -33.81 -12.33 -5.99
CA PHE B 350 -33.92 -11.32 -7.04
C PHE B 350 -34.15 -9.94 -6.42
N VAL B 351 -33.07 -9.19 -6.20
CA VAL B 351 -33.18 -7.86 -5.60
C VAL B 351 -33.81 -6.91 -6.61
N ARG B 352 -34.87 -6.21 -6.18
CA ARG B 352 -35.55 -5.26 -7.05
C ARG B 352 -34.71 -4.02 -7.34
N GLY B 353 -33.66 -3.77 -6.57
CA GLY B 353 -32.82 -2.60 -6.82
C GLY B 353 -32.12 -2.68 -8.15
N GLY B 354 -31.71 -3.87 -8.55
CA GLY B 354 -31.04 -4.06 -9.82
C GLY B 354 -30.16 -5.29 -9.85
N GLY B 355 -30.14 -5.99 -10.98
CA GLY B 355 -29.32 -7.19 -11.13
C GLY B 355 -27.92 -6.86 -11.63
N ALA B 356 -27.55 -5.59 -11.57
CA ALA B 356 -26.25 -5.14 -12.06
C ALA B 356 -25.30 -4.77 -10.93
N TYR B 357 -25.71 -3.92 -10.00
CA TYR B 357 -24.81 -3.48 -8.95
C TYR B 357 -25.38 -3.67 -7.55
N TYR B 358 -26.71 -3.77 -7.42
CA TYR B 358 -27.31 -3.93 -6.10
C TYR B 358 -26.87 -5.23 -5.44
N LEU B 359 -26.77 -6.31 -6.23
CA LEU B 359 -26.37 -7.60 -5.67
C LEU B 359 -24.96 -7.54 -5.10
N ILE B 360 -24.03 -6.93 -5.84
CA ILE B 360 -22.65 -6.84 -5.36
C ILE B 360 -22.56 -5.98 -4.12
N SER B 361 -23.22 -4.82 -4.13
CA SER B 361 -23.18 -3.87 -3.02
C SER B 361 -24.61 -3.58 -2.58
N ARG B 362 -25.05 -4.25 -1.51
CA ARG B 362 -26.39 -4.03 -0.97
C ARG B 362 -26.35 -3.14 0.27
N SER B 363 -25.41 -3.39 1.18
CA SER B 363 -25.28 -2.55 2.37
C SER B 363 -24.93 -1.12 1.99
N LEU B 364 -23.95 -0.95 1.12
CA LEU B 364 -23.54 0.36 0.63
C LEU B 364 -24.02 0.56 -0.80
N GLY B 365 -23.85 1.77 -1.31
CA GLY B 365 -24.41 2.16 -2.59
C GLY B 365 -23.85 1.40 -3.76
N PRO B 366 -24.54 1.46 -4.90
CA PRO B 366 -24.08 0.73 -6.10
C PRO B 366 -22.78 1.28 -6.68
N GLU B 367 -22.18 2.26 -6.01
CA GLU B 367 -20.98 2.90 -6.53
C GLU B 367 -19.81 1.92 -6.59
N PHE B 368 -19.56 1.19 -5.50
CA PHE B 368 -18.55 0.13 -5.57
C PHE B 368 -18.92 -0.95 -6.58
N GLY B 369 -20.21 -1.22 -6.75
CA GLY B 369 -20.59 -2.16 -7.79
C GLY B 369 -20.16 -1.71 -9.17
N GLY B 370 -20.41 -0.44 -9.48
CA GLY B 370 -19.97 0.09 -10.77
C GLY B 370 -18.46 0.10 -10.92
N ALA B 371 -17.75 0.53 -9.87
CA ALA B 371 -16.30 0.57 -9.93
C ALA B 371 -15.72 -0.83 -10.14
N ILE B 372 -16.26 -1.81 -9.40
CA ILE B 372 -15.79 -3.19 -9.54
C ILE B 372 -16.08 -3.71 -10.93
N GLY B 373 -17.27 -3.41 -11.47
CA GLY B 373 -17.58 -3.86 -12.82
C GLY B 373 -16.63 -3.27 -13.85
N LEU B 374 -16.40 -1.96 -13.79
CA LEU B 374 -15.50 -1.32 -14.73
C LEU B 374 -14.07 -1.86 -14.62
N ILE B 375 -13.57 -2.07 -13.40
CA ILE B 375 -12.21 -2.59 -13.28
C ILE B 375 -12.14 -4.04 -13.74
N PHE B 376 -13.16 -4.85 -13.43
CA PHE B 376 -13.09 -6.28 -13.72
C PHE B 376 -13.27 -6.56 -15.20
N ALA B 377 -14.16 -5.83 -15.88
CA ALA B 377 -14.32 -6.04 -17.31
C ALA B 377 -13.09 -5.56 -18.08
N PHE B 378 -12.50 -4.45 -17.65
CA PHE B 378 -11.25 -4.01 -18.29
C PHE B 378 -10.12 -5.00 -18.02
N ALA B 379 -10.12 -5.60 -16.83
CA ALA B 379 -9.15 -6.66 -16.55
C ALA B 379 -9.38 -7.86 -17.45
N ASN B 380 -10.66 -8.17 -17.74
CA ASN B 380 -10.94 -9.26 -18.67
C ASN B 380 -10.46 -8.93 -20.08
N ALA B 381 -10.59 -7.67 -20.49
CA ALA B 381 -10.05 -7.28 -21.79
C ALA B 381 -8.53 -7.43 -21.82
N VAL B 382 -7.86 -7.01 -20.76
CA VAL B 382 -6.41 -7.20 -20.70
C VAL B 382 -6.07 -8.69 -20.67
N ALA B 383 -6.94 -9.50 -20.06
CA ALA B 383 -6.71 -10.94 -19.99
C ALA B 383 -6.85 -11.59 -21.36
N VAL B 384 -7.85 -11.20 -22.14
CA VAL B 384 -7.97 -11.75 -23.48
C VAL B 384 -6.81 -11.30 -24.34
N ALA B 385 -6.33 -10.06 -24.12
CA ALA B 385 -5.12 -9.63 -24.81
C ALA B 385 -3.93 -10.54 -24.46
N MET B 386 -3.75 -10.83 -23.17
CA MET B 386 -2.64 -11.69 -22.75
C MET B 386 -2.77 -13.09 -23.34
N TYR B 387 -3.97 -13.67 -23.29
CA TYR B 387 -4.19 -15.01 -23.82
C TYR B 387 -3.88 -15.07 -25.31
N VAL B 388 -4.38 -14.09 -26.07
CA VAL B 388 -4.20 -14.13 -27.51
C VAL B 388 -2.75 -13.83 -27.88
N VAL B 389 -2.05 -13.02 -27.08
CA VAL B 389 -0.63 -12.80 -27.39
C VAL B 389 0.19 -14.02 -27.01
N GLY B 390 -0.23 -14.77 -26.00
CA GLY B 390 0.41 -16.05 -25.73
C GLY B 390 0.22 -17.04 -26.86
N PHE B 391 -0.99 -17.07 -27.42
CA PHE B 391 -1.24 -17.87 -28.61
C PHE B 391 -0.33 -17.43 -29.75
N ALA B 392 -0.19 -16.13 -29.94
CA ALA B 392 0.69 -15.61 -30.97
C ALA B 392 2.13 -16.05 -30.74
N GLU B 393 2.60 -15.97 -29.49
CA GLU B 393 3.97 -16.36 -29.18
C GLU B 393 4.20 -17.83 -29.46
N THR B 394 3.26 -18.69 -29.05
CA THR B 394 3.48 -20.13 -29.24
C THR B 394 3.39 -20.51 -30.71
N VAL B 395 2.49 -19.90 -31.48
CA VAL B 395 2.42 -20.22 -32.90
C VAL B 395 3.66 -19.70 -33.62
N VAL B 396 4.18 -18.53 -33.20
CA VAL B 396 5.41 -18.01 -33.78
C VAL B 396 6.57 -18.94 -33.50
N GLU B 397 6.66 -19.45 -32.27
CA GLU B 397 7.71 -20.40 -31.94
C GLU B 397 7.58 -21.68 -32.77
N LEU B 398 6.35 -22.18 -32.93
CA LEU B 398 6.14 -23.40 -33.72
C LEU B 398 6.55 -23.20 -35.17
N LEU B 399 6.18 -22.05 -35.75
CA LEU B 399 6.55 -21.80 -37.15
C LEU B 399 8.03 -21.52 -37.29
N LYS B 400 8.67 -20.96 -36.27
CA LYS B 400 10.13 -20.81 -36.29
C LYS B 400 10.81 -22.18 -36.28
N GLU B 401 10.28 -23.12 -35.47
CA GLU B 401 10.78 -24.48 -35.52
C GLU B 401 10.45 -25.15 -36.85
N HIS B 402 9.49 -24.59 -37.59
CA HIS B 402 9.11 -25.12 -38.89
C HIS B 402 10.13 -24.62 -39.93
N SER B 403 9.81 -24.78 -41.22
CA SER B 403 10.76 -24.47 -42.29
C SER B 403 11.23 -23.02 -42.24
N ILE B 404 10.31 -22.07 -42.38
CA ILE B 404 10.64 -20.66 -42.52
C ILE B 404 9.87 -19.87 -41.47
N LEU B 405 10.27 -18.61 -41.30
CA LEU B 405 9.66 -17.72 -40.33
C LEU B 405 9.50 -16.33 -40.93
N MET B 406 8.81 -15.47 -40.20
CA MET B 406 8.54 -14.11 -40.65
C MET B 406 9.74 -13.21 -40.42
N ILE B 407 9.53 -11.89 -40.54
CA ILE B 407 10.64 -10.93 -40.45
C ILE B 407 11.32 -11.02 -39.10
N ASP B 408 10.55 -10.83 -38.03
CA ASP B 408 11.13 -10.80 -36.69
C ASP B 408 10.29 -11.65 -35.75
N GLU B 409 10.96 -12.38 -34.87
CA GLU B 409 10.27 -13.21 -33.89
C GLU B 409 9.61 -12.39 -32.79
N ILE B 410 9.95 -11.11 -32.65
CA ILE B 410 9.36 -10.24 -31.65
C ILE B 410 8.46 -9.18 -32.30
N ASN B 411 8.21 -9.30 -33.60
CA ASN B 411 7.33 -8.39 -34.31
C ASN B 411 6.21 -9.11 -35.05
N ASP B 412 6.48 -10.30 -35.59
CA ASP B 412 5.42 -11.07 -36.23
C ASP B 412 4.35 -11.51 -35.24
N ILE B 413 4.74 -11.62 -33.96
CA ILE B 413 3.78 -12.01 -32.93
C ILE B 413 2.62 -11.02 -32.87
N ARG B 414 2.94 -9.72 -32.95
CA ARG B 414 1.88 -8.71 -32.92
C ARG B 414 0.94 -8.86 -34.10
N ILE B 415 1.49 -9.09 -35.29
CA ILE B 415 0.66 -9.19 -36.50
C ILE B 415 -0.25 -10.40 -36.41
N ILE B 416 0.30 -11.56 -36.06
CA ILE B 416 -0.51 -12.77 -36.00
C ILE B 416 -1.54 -12.67 -34.87
N GLY B 417 -1.18 -12.02 -33.76
CA GLY B 417 -2.14 -11.81 -32.68
C GLY B 417 -3.28 -10.91 -33.09
N ALA B 418 -2.97 -9.84 -33.83
CA ALA B 418 -4.02 -8.96 -34.32
C ALA B 418 -4.95 -9.71 -35.28
N ILE B 419 -4.37 -10.51 -36.18
CA ILE B 419 -5.19 -11.26 -37.12
C ILE B 419 -6.12 -12.22 -36.38
N THR B 420 -5.58 -12.95 -35.40
CA THR B 420 -6.42 -13.92 -34.72
C THR B 420 -7.43 -13.26 -33.78
N VAL B 421 -7.12 -12.08 -33.23
CA VAL B 421 -8.14 -11.42 -32.41
C VAL B 421 -9.24 -10.84 -33.29
N VAL B 422 -8.92 -10.43 -34.51
CA VAL B 422 -9.97 -10.08 -35.47
C VAL B 422 -10.81 -11.31 -35.78
N ILE B 423 -10.18 -12.48 -35.89
CA ILE B 423 -10.92 -13.72 -36.10
C ILE B 423 -11.85 -14.00 -34.91
N LEU B 424 -11.37 -13.72 -33.69
CA LEU B 424 -12.22 -13.86 -32.51
C LEU B 424 -13.42 -12.93 -32.57
N LEU B 425 -13.21 -11.69 -33.02
CA LEU B 425 -14.36 -10.80 -33.23
C LEU B 425 -15.33 -11.39 -34.22
N GLY B 426 -14.83 -11.92 -35.33
CA GLY B 426 -15.70 -12.50 -36.33
C GLY B 426 -16.48 -13.70 -35.82
N ILE B 427 -15.89 -14.48 -34.93
CA ILE B 427 -16.55 -15.71 -34.47
C ILE B 427 -17.46 -15.46 -33.27
N SER B 428 -17.17 -14.45 -32.44
CA SER B 428 -17.93 -14.25 -31.21
C SER B 428 -19.35 -13.78 -31.51
N VAL B 429 -19.49 -12.81 -32.42
CA VAL B 429 -20.81 -12.24 -32.69
C VAL B 429 -21.70 -13.22 -33.41
N ALA B 430 -21.12 -14.22 -34.07
CA ALA B 430 -21.88 -15.14 -34.93
C ALA B 430 -22.37 -16.32 -34.10
N GLY B 431 -23.68 -16.39 -33.90
CA GLY B 431 -24.30 -17.57 -33.31
C GLY B 431 -24.20 -17.59 -31.79
N MET B 432 -25.02 -18.46 -31.20
CA MET B 432 -25.01 -18.71 -29.77
C MET B 432 -24.68 -20.17 -29.43
N GLU B 433 -25.36 -21.12 -30.08
CA GLU B 433 -25.02 -22.53 -29.88
C GLU B 433 -23.75 -22.92 -30.63
N TRP B 434 -23.39 -22.16 -31.65
CA TRP B 434 -22.18 -22.38 -32.43
C TRP B 434 -20.97 -22.45 -31.50
N GLU B 435 -20.73 -21.36 -30.76
CA GLU B 435 -19.61 -21.35 -29.83
C GLU B 435 -19.77 -22.33 -28.69
N ALA B 436 -21.00 -22.69 -28.32
CA ALA B 436 -21.18 -23.71 -27.28
C ALA B 436 -20.65 -25.06 -27.74
N LYS B 437 -21.05 -25.49 -28.93
CA LYS B 437 -20.54 -26.75 -29.47
C LYS B 437 -19.04 -26.68 -29.71
N ALA B 438 -18.55 -25.55 -30.25
CA ALA B 438 -17.12 -25.40 -30.46
C ALA B 438 -16.36 -25.47 -29.14
N GLN B 439 -16.95 -24.92 -28.08
CA GLN B 439 -16.35 -24.95 -26.75
C GLN B 439 -16.31 -26.36 -26.18
N ILE B 440 -17.38 -27.13 -26.38
CA ILE B 440 -17.35 -28.53 -25.94
C ILE B 440 -16.24 -29.28 -26.67
N VAL B 441 -16.13 -29.08 -27.98
CA VAL B 441 -15.09 -29.75 -28.75
C VAL B 441 -13.71 -29.32 -28.28
N LEU B 442 -13.55 -28.02 -27.99
CA LEU B 442 -12.27 -27.51 -27.50
C LEU B 442 -11.89 -28.14 -26.16
N LEU B 443 -12.86 -28.26 -25.26
CA LEU B 443 -12.60 -28.91 -23.98
C LEU B 443 -12.19 -30.36 -24.18
N VAL B 444 -12.86 -31.06 -25.10
CA VAL B 444 -12.53 -32.46 -25.34
C VAL B 444 -11.11 -32.58 -25.86
N ILE B 445 -10.74 -31.74 -26.84
CA ILE B 445 -9.40 -31.85 -27.42
C ILE B 445 -8.34 -31.44 -26.40
N LEU B 446 -8.66 -30.47 -25.53
CA LEU B 446 -7.71 -30.06 -24.50
C LEU B 446 -7.47 -31.18 -23.49
N LEU B 447 -8.55 -31.84 -23.06
CA LEU B 447 -8.40 -32.95 -22.14
C LEU B 447 -7.64 -34.10 -22.80
N LEU B 448 -7.88 -34.35 -24.07
CA LEU B 448 -7.11 -35.35 -24.79
C LEU B 448 -5.64 -34.99 -24.86
N ALA B 449 -5.32 -33.70 -25.04
CA ALA B 449 -3.92 -33.27 -25.06
C ALA B 449 -3.26 -33.49 -23.71
N ILE B 450 -3.97 -33.17 -22.61
CA ILE B 450 -3.41 -33.41 -21.29
C ILE B 450 -3.17 -34.91 -21.07
N GLY B 451 -4.13 -35.73 -21.48
CA GLY B 451 -3.94 -37.18 -21.36
C GLY B 451 -2.77 -37.67 -22.18
N ASP B 452 -2.59 -37.10 -23.37
CA ASP B 452 -1.44 -37.47 -24.20
C ASP B 452 -0.13 -37.09 -23.51
N PHE B 453 -0.09 -35.91 -22.90
CA PHE B 453 1.12 -35.50 -22.18
C PHE B 453 1.42 -36.45 -21.02
N VAL B 454 0.38 -36.80 -20.26
CA VAL B 454 0.57 -37.70 -19.12
C VAL B 454 1.05 -39.06 -19.59
N ILE B 455 0.49 -39.56 -20.69
CA ILE B 455 0.96 -40.84 -21.24
C ILE B 455 2.40 -40.72 -21.72
N GLY B 456 2.78 -39.55 -22.25
CA GLY B 456 4.15 -39.35 -22.66
C GLY B 456 5.12 -39.36 -21.49
N THR B 457 4.68 -38.85 -20.34
CA THR B 457 5.54 -38.88 -19.16
C THR B 457 5.90 -40.30 -18.76
N PHE B 458 4.94 -41.23 -18.91
CA PHE B 458 5.20 -42.64 -18.58
C PHE B 458 6.13 -43.32 -19.57
N ILE B 459 6.42 -42.69 -20.71
CA ILE B 459 7.20 -43.34 -21.76
C ILE B 459 8.56 -42.68 -21.87
N PRO B 460 9.63 -43.30 -21.34
CA PRO B 460 10.98 -42.73 -21.49
C PRO B 460 11.58 -43.11 -22.83
N LEU B 461 11.79 -42.09 -23.68
CA LEU B 461 12.30 -42.29 -25.02
C LEU B 461 13.77 -41.92 -25.08
N GLU B 462 14.60 -42.86 -25.55
CA GLU B 462 16.02 -42.58 -25.70
C GLU B 462 16.29 -41.65 -26.88
N SER B 463 15.27 -41.39 -27.69
CA SER B 463 15.43 -40.51 -28.85
C SER B 463 15.89 -39.11 -28.45
N LYS B 464 15.44 -38.60 -27.30
CA LYS B 464 15.90 -37.31 -26.77
C LYS B 464 16.42 -37.56 -25.36
N LYS B 465 17.66 -38.04 -25.28
CA LYS B 465 18.36 -38.19 -24.00
C LYS B 465 19.00 -36.87 -23.57
N PRO B 466 19.70 -36.13 -24.45
CA PRO B 466 20.23 -34.83 -24.02
C PRO B 466 19.17 -33.86 -23.57
N LYS B 467 17.94 -33.99 -24.07
CA LYS B 467 16.84 -33.18 -23.58
C LYS B 467 16.59 -33.47 -22.11
N GLY B 468 15.94 -32.53 -21.43
CA GLY B 468 15.73 -32.62 -20.00
C GLY B 468 14.94 -33.85 -19.55
N PHE B 469 14.16 -34.42 -20.45
CA PHE B 469 13.29 -35.53 -20.08
C PHE B 469 14.11 -36.76 -19.72
N PHE B 470 13.84 -37.34 -18.55
CA PHE B 470 14.55 -38.52 -18.08
C PHE B 470 13.66 -39.69 -17.68
N GLY B 471 12.40 -39.45 -17.31
CA GLY B 471 11.48 -40.55 -17.09
C GLY B 471 11.36 -41.07 -15.67
N TYR B 472 11.03 -40.18 -14.71
CA TYR B 472 10.79 -40.57 -13.32
C TYR B 472 12.03 -41.21 -12.69
N LYS B 473 13.07 -40.39 -12.54
CA LYS B 473 14.27 -40.78 -11.82
C LYS B 473 14.34 -40.02 -10.51
N SER B 474 14.69 -40.75 -9.43
CA SER B 474 14.72 -40.13 -8.11
C SER B 474 15.74 -39.00 -8.03
N GLU B 475 16.80 -39.07 -8.84
CA GLU B 475 17.75 -37.97 -8.91
C GLU B 475 17.08 -36.71 -9.43
N ILE B 476 16.21 -36.85 -10.43
CA ILE B 476 15.47 -35.71 -10.96
C ILE B 476 14.51 -35.13 -9.94
N PHE B 477 14.04 -35.94 -9.00
CA PHE B 477 13.13 -35.47 -7.95
C PHE B 477 13.87 -34.78 -6.83
N ASN B 478 14.99 -35.37 -6.37
CA ASN B 478 15.73 -34.79 -5.25
C ASN B 478 16.26 -33.40 -5.61
N GLU B 479 16.80 -33.25 -6.81
CA GLU B 479 17.33 -31.96 -7.22
C GLU B 479 16.21 -30.93 -7.42
N ASN B 480 15.08 -31.36 -7.99
CA ASN B 480 14.00 -30.43 -8.31
C ASN B 480 13.17 -30.05 -7.09
N PHE B 481 13.29 -30.79 -5.98
CA PHE B 481 12.48 -30.48 -4.80
C PHE B 481 12.90 -29.17 -4.15
N GLY B 482 14.11 -28.69 -4.41
CA GLY B 482 14.59 -27.46 -3.84
C GLY B 482 14.47 -26.28 -4.79
N PRO B 483 13.99 -25.15 -4.28
CA PRO B 483 13.85 -23.97 -5.14
C PRO B 483 15.19 -23.49 -5.66
N ASP B 484 15.18 -22.94 -6.87
CA ASP B 484 16.39 -22.40 -7.48
C ASP B 484 15.95 -21.26 -8.41
N PHE B 485 15.99 -20.04 -7.90
CA PHE B 485 15.65 -18.85 -8.70
C PHE B 485 16.86 -18.50 -9.55
N ARG B 486 16.68 -18.54 -10.87
CA ARG B 486 17.78 -18.46 -11.81
C ARG B 486 18.47 -17.11 -11.84
N GLU B 487 17.80 -16.05 -12.30
CA GLU B 487 18.48 -14.77 -12.54
C GLU B 487 17.98 -13.68 -11.59
N GLU B 488 16.69 -13.36 -11.62
CA GLU B 488 16.21 -12.24 -10.80
C GLU B 488 14.87 -12.50 -10.12
N GLU B 489 14.24 -13.64 -10.33
CA GLU B 489 12.90 -13.84 -9.81
C GLU B 489 12.92 -14.26 -8.34
N THR B 490 11.80 -14.05 -7.68
CA THR B 490 11.59 -14.45 -6.30
C THR B 490 10.38 -15.37 -6.22
N PHE B 491 10.10 -15.84 -5.00
CA PHE B 491 8.95 -16.73 -4.80
C PHE B 491 7.65 -16.03 -5.18
N PHE B 492 7.49 -14.77 -4.76
CA PHE B 492 6.27 -14.04 -5.06
C PHE B 492 6.25 -13.58 -6.52
N SER B 493 7.41 -13.29 -7.11
CA SER B 493 7.44 -12.95 -8.52
C SER B 493 6.99 -14.13 -9.39
N VAL B 494 7.42 -15.34 -9.04
CA VAL B 494 6.94 -16.53 -9.73
C VAL B 494 5.45 -16.69 -9.54
N PHE B 495 4.97 -16.48 -8.31
CA PHE B 495 3.53 -16.50 -8.07
C PHE B 495 2.83 -15.41 -8.87
N GLU B 496 3.47 -14.24 -8.99
CA GLU B 496 2.91 -13.17 -9.80
C GLU B 496 2.75 -13.58 -11.26
N ILE B 497 3.74 -14.24 -11.83
CA ILE B 497 3.63 -14.71 -13.20
C ILE B 497 2.56 -15.79 -13.32
N PHE B 498 2.50 -16.71 -12.35
CA PHE B 498 1.63 -17.87 -12.47
C PHE B 498 0.17 -17.53 -12.24
N PHE B 499 -0.12 -16.53 -11.41
CA PHE B 499 -1.49 -16.29 -10.95
C PHE B 499 -2.52 -16.16 -12.08
N PRO B 500 -2.22 -15.52 -13.22
CA PRO B 500 -3.20 -15.51 -14.33
C PRO B 500 -3.81 -16.87 -14.64
N ALA B 501 -3.07 -17.95 -14.39
CA ALA B 501 -3.61 -19.29 -14.63
C ALA B 501 -4.80 -19.58 -13.73
N ALA B 502 -4.74 -19.19 -12.47
CA ALA B 502 -5.78 -19.50 -11.50
C ALA B 502 -6.87 -18.44 -11.45
N THR B 503 -7.09 -17.71 -12.53
CA THR B 503 -8.08 -16.63 -12.58
C THR B 503 -9.02 -16.80 -13.76
N GLY B 504 -10.20 -16.21 -13.63
CA GLY B 504 -11.16 -16.16 -14.72
C GLY B 504 -12.43 -16.97 -14.52
N ILE B 505 -12.65 -17.54 -13.34
CA ILE B 505 -13.88 -18.29 -13.09
C ILE B 505 -15.09 -17.35 -13.11
N LEU B 506 -14.92 -16.13 -12.59
CA LEU B 506 -16.04 -15.19 -12.53
C LEU B 506 -16.60 -14.85 -13.90
N ALA B 507 -15.84 -15.12 -14.96
CA ALA B 507 -16.40 -15.00 -16.31
C ALA B 507 -17.68 -15.80 -16.43
N GLY B 508 -17.64 -17.09 -16.05
CA GLY B 508 -18.84 -17.89 -16.06
C GLY B 508 -19.93 -17.30 -15.19
N ALA B 509 -19.53 -16.60 -14.12
CA ALA B 509 -20.50 -15.92 -13.27
C ALA B 509 -21.35 -14.94 -14.06
N ASN B 510 -20.71 -14.14 -14.91
CA ASN B 510 -21.47 -13.16 -15.69
C ASN B 510 -22.23 -13.80 -16.84
N ILE B 511 -22.20 -15.13 -16.95
CA ILE B 511 -23.02 -15.83 -17.93
C ILE B 511 -24.39 -16.04 -17.28
N SER B 512 -24.50 -15.68 -16.01
CA SER B 512 -25.76 -15.85 -15.28
C SER B 512 -26.91 -15.12 -15.94
N GLY B 513 -26.62 -14.04 -16.68
CA GLY B 513 -27.67 -13.35 -17.39
C GLY B 513 -28.38 -14.22 -18.41
N ASP B 514 -27.61 -15.06 -19.10
CA ASP B 514 -28.17 -15.99 -20.10
C ASP B 514 -28.09 -17.43 -19.64
N LEU B 515 -27.94 -17.67 -18.35
CA LEU B 515 -27.84 -19.02 -17.81
C LEU B 515 -29.19 -19.44 -17.22
N ALA B 516 -29.46 -20.74 -17.25
CA ALA B 516 -30.82 -21.22 -17.01
C ALA B 516 -31.23 -21.06 -15.55
N ASP B 517 -30.52 -21.73 -14.64
CA ASP B 517 -30.94 -21.83 -13.24
C ASP B 517 -29.80 -21.37 -12.33
N PRO B 518 -29.69 -20.06 -12.10
CA PRO B 518 -28.63 -19.55 -11.21
C PRO B 518 -28.88 -19.88 -9.74
N GLN B 519 -27.95 -19.43 -8.89
CA GLN B 519 -28.00 -19.51 -7.44
C GLN B 519 -27.77 -20.93 -6.93
N SER B 520 -27.77 -21.91 -7.82
CA SER B 520 -27.29 -23.25 -7.49
C SER B 520 -26.21 -23.66 -8.48
N ALA B 521 -26.52 -23.49 -9.77
CA ALA B 521 -25.59 -23.89 -10.83
C ALA B 521 -24.30 -23.10 -10.76
N LEU B 522 -24.38 -21.79 -10.51
CA LEU B 522 -23.17 -20.99 -10.44
C LEU B 522 -22.23 -21.48 -9.35
N PRO B 523 -22.65 -21.62 -8.09
CA PRO B 523 -21.71 -22.13 -7.07
C PRO B 523 -21.26 -23.56 -7.36
N LYS B 524 -22.18 -24.45 -7.75
CA LYS B 524 -21.81 -25.84 -7.97
C LYS B 524 -20.74 -25.95 -9.05
N GLY B 525 -21.00 -25.34 -10.22
CA GLY B 525 -20.04 -25.41 -11.31
C GLY B 525 -18.73 -24.71 -10.98
N THR B 526 -18.81 -23.54 -10.34
CA THR B 526 -17.59 -22.82 -10.01
C THR B 526 -16.69 -23.64 -9.09
N LEU B 527 -17.26 -24.17 -8.00
CA LEU B 527 -16.47 -24.94 -7.06
C LEU B 527 -15.93 -26.22 -7.69
N LEU B 528 -16.76 -26.92 -8.47
CA LEU B 528 -16.29 -28.15 -9.10
C LEU B 528 -15.17 -27.88 -10.10
N ALA B 529 -15.31 -26.84 -10.92
CA ALA B 529 -14.26 -26.50 -11.87
C ALA B 529 -12.99 -26.09 -11.15
N ILE B 530 -13.12 -25.34 -10.06
CA ILE B 530 -11.94 -24.94 -9.30
C ILE B 530 -11.20 -26.17 -8.77
N LEU B 531 -11.95 -27.12 -8.19
CA LEU B 531 -11.32 -28.31 -7.65
C LEU B 531 -10.64 -29.11 -8.76
N ILE B 532 -11.32 -29.27 -9.90
CA ILE B 532 -10.75 -30.06 -11.00
C ILE B 532 -9.48 -29.41 -11.53
N THR B 533 -9.51 -28.09 -11.75
CA THR B 533 -8.35 -27.42 -12.32
C THR B 533 -7.19 -27.39 -11.33
N THR B 534 -7.48 -27.27 -10.03
CA THR B 534 -6.42 -27.34 -9.04
C THR B 534 -5.78 -28.72 -9.01
N LEU B 535 -6.59 -29.77 -9.06
CA LEU B 535 -6.04 -31.12 -9.07
C LEU B 535 -5.17 -31.34 -10.31
N VAL B 536 -5.64 -30.88 -11.48
CA VAL B 536 -4.87 -31.05 -12.70
C VAL B 536 -3.57 -30.25 -12.62
N TYR B 537 -3.62 -29.02 -12.11
CA TYR B 537 -2.41 -28.22 -11.96
C TYR B 537 -1.40 -28.90 -11.06
N VAL B 538 -1.86 -29.42 -9.91
CA VAL B 538 -0.95 -30.09 -8.99
C VAL B 538 -0.32 -31.31 -9.65
N GLY B 539 -1.15 -32.12 -10.31
CA GLY B 539 -0.62 -33.32 -10.94
C GLY B 539 0.40 -33.01 -12.02
N ILE B 540 0.09 -32.04 -12.89
CA ILE B 540 1.00 -31.72 -13.98
C ILE B 540 2.27 -31.08 -13.45
N ALA B 541 2.16 -30.28 -12.38
CA ALA B 541 3.35 -29.68 -11.79
C ALA B 541 4.27 -30.75 -11.21
N VAL B 542 3.70 -31.71 -10.49
CA VAL B 542 4.51 -32.80 -9.94
C VAL B 542 5.15 -33.59 -11.08
N SER B 543 4.39 -33.89 -12.12
CA SER B 543 4.92 -34.68 -13.23
C SER B 543 6.06 -33.96 -13.94
N VAL B 544 5.90 -32.66 -14.23
CA VAL B 544 6.94 -31.94 -14.95
C VAL B 544 8.16 -31.76 -14.06
N GLY B 545 7.96 -31.61 -12.75
CA GLY B 545 9.10 -31.51 -11.85
C GLY B 545 9.82 -32.82 -11.63
N SER B 546 9.15 -33.95 -11.88
CA SER B 546 9.76 -35.25 -11.68
C SER B 546 10.24 -35.90 -12.98
N CYS B 547 10.31 -35.15 -14.09
CA CYS B 547 10.73 -35.75 -15.36
C CYS B 547 11.83 -34.96 -16.04
N VAL B 548 12.25 -33.83 -15.47
CA VAL B 548 13.27 -33.01 -16.13
C VAL B 548 14.12 -32.27 -15.11
N VAL B 549 15.18 -31.64 -15.58
CA VAL B 549 16.14 -30.94 -14.72
C VAL B 549 16.33 -29.53 -15.24
N ARG B 550 16.82 -28.65 -14.35
CA ARG B 550 16.99 -27.23 -14.70
C ARG B 550 17.98 -27.01 -15.82
N ASP B 551 19.10 -27.74 -15.85
CA ASP B 551 20.15 -27.48 -16.81
C ASP B 551 20.30 -28.67 -17.75
N ALA B 552 20.25 -28.41 -19.05
CA ALA B 552 20.39 -29.45 -20.06
C ALA B 552 21.11 -28.88 -21.25
N THR B 553 22.25 -29.49 -21.60
CA THR B 553 23.02 -29.08 -22.78
C THR B 553 22.60 -29.94 -23.98
N GLY B 554 21.49 -29.55 -24.58
CA GLY B 554 20.93 -30.28 -25.70
C GLY B 554 21.84 -30.32 -26.91
N ASN B 555 22.41 -31.50 -27.19
CA ASN B 555 23.31 -31.66 -28.33
C ASN B 555 23.61 -33.14 -28.56
N VAL B 556 23.59 -33.55 -29.82
CA VAL B 556 23.91 -34.94 -30.16
C VAL B 556 25.35 -35.27 -29.79
N ASN B 557 26.27 -34.34 -30.06
CA ASN B 557 27.68 -34.55 -29.73
C ASN B 557 27.92 -34.56 -28.23
N ASP B 558 26.95 -34.13 -27.43
CA ASP B 558 27.08 -34.14 -25.98
C ASP B 558 27.31 -35.56 -25.47
N THR B 559 28.32 -35.74 -24.62
CA THR B 559 28.64 -37.06 -24.11
C THR B 559 27.62 -37.49 -23.07
N ILE B 560 26.89 -38.57 -23.36
CA ILE B 560 25.92 -39.13 -22.44
C ILE B 560 26.52 -40.36 -21.78
N VAL B 561 27.85 -40.45 -21.79
CA VAL B 561 28.53 -41.62 -21.24
C VAL B 561 28.31 -41.73 -19.74
N THR B 562 28.29 -40.59 -19.04
CA THR B 562 28.13 -40.56 -17.59
C THR B 562 29.30 -41.26 -16.88
N GLU B 563 30.49 -40.71 -17.10
CA GLU B 563 31.68 -41.24 -16.45
C GLU B 563 31.59 -41.02 -14.94
N LEU B 564 32.27 -41.89 -14.19
CA LEU B 564 32.22 -41.86 -12.74
C LEU B 564 33.07 -40.68 -12.24
N THR B 565 32.48 -39.49 -12.33
CA THR B 565 33.10 -38.26 -11.85
C THR B 565 32.36 -37.77 -10.62
N ASN B 566 32.89 -36.71 -10.00
CA ASN B 566 32.25 -36.14 -8.81
C ASN B 566 30.86 -35.60 -9.15
N CYS B 567 30.80 -34.57 -9.99
CA CYS B 567 29.56 -33.99 -10.52
C CYS B 567 28.51 -33.83 -9.42
N THR B 568 28.81 -32.93 -8.49
CA THR B 568 27.95 -32.72 -7.33
C THR B 568 26.51 -32.43 -7.74
N SER B 569 26.31 -31.78 -8.89
CA SER B 569 24.97 -31.59 -9.41
C SER B 569 24.34 -32.94 -9.76
N ALA B 570 23.07 -33.11 -9.40
CA ALA B 570 22.39 -34.38 -9.58
C ALA B 570 22.09 -34.71 -11.03
N ALA B 571 22.29 -33.77 -11.96
CA ALA B 571 21.97 -34.01 -13.35
C ALA B 571 22.77 -35.17 -13.92
N CYS B 572 24.01 -35.33 -13.46
CA CYS B 572 24.86 -36.42 -13.93
C CYS B 572 24.38 -37.79 -13.46
N LYS B 573 23.45 -37.84 -12.51
CA LYS B 573 23.06 -39.12 -11.92
C LYS B 573 22.47 -40.07 -12.96
N LEU B 574 21.60 -39.56 -13.83
CA LEU B 574 21.00 -40.41 -14.85
C LEU B 574 22.02 -40.83 -15.89
N ASN B 575 22.77 -39.88 -16.42
CA ASN B 575 23.76 -40.14 -17.46
C ASN B 575 24.55 -38.86 -17.71
N PHE B 576 25.48 -38.93 -18.66
CA PHE B 576 26.30 -37.77 -19.00
C PHE B 576 25.52 -36.66 -19.69
N ASP B 577 24.31 -36.94 -20.17
CA ASP B 577 23.51 -35.91 -20.83
C ASP B 577 23.12 -34.83 -19.81
N PHE B 578 23.01 -33.60 -20.30
CA PHE B 578 22.58 -32.46 -19.49
C PHE B 578 23.54 -32.19 -18.32
N SER B 579 24.84 -32.22 -18.60
CA SER B 579 25.85 -32.11 -17.56
C SER B 579 26.63 -30.81 -17.72
N SER B 580 26.55 -29.95 -16.69
CA SER B 580 27.45 -28.81 -16.50
C SER B 580 27.40 -27.85 -17.69
N CYS B 581 26.23 -27.24 -17.87
CA CYS B 581 26.08 -26.13 -18.81
C CYS B 581 25.84 -24.81 -18.08
N GLU B 582 26.24 -24.70 -16.81
CA GLU B 582 25.95 -23.51 -16.03
C GLU B 582 26.89 -22.34 -16.32
N SER B 583 27.95 -22.57 -17.11
CA SER B 583 28.88 -21.48 -17.41
C SER B 583 28.24 -20.46 -18.35
N SER B 584 27.91 -20.89 -19.57
CA SER B 584 27.19 -20.05 -20.51
C SER B 584 25.74 -20.51 -20.55
N PRO B 585 24.85 -19.82 -21.25
CA PRO B 585 23.46 -20.26 -21.34
C PRO B 585 23.32 -21.42 -22.30
N CYS B 586 23.06 -22.61 -21.75
CA CYS B 586 22.97 -23.81 -22.58
C CYS B 586 21.64 -23.84 -23.34
N SER B 587 21.41 -24.97 -24.01
CA SER B 587 20.36 -25.03 -25.04
C SER B 587 18.98 -24.77 -24.46
N TYR B 588 18.48 -25.68 -23.64
CA TYR B 588 17.10 -25.62 -23.20
C TYR B 588 16.89 -26.66 -22.10
N GLY B 589 15.64 -26.81 -21.66
CA GLY B 589 15.24 -27.84 -20.71
C GLY B 589 14.81 -27.30 -19.36
N LEU B 590 13.50 -27.13 -19.18
CA LEU B 590 12.87 -26.79 -17.91
C LEU B 590 13.28 -25.38 -17.45
N MET B 591 14.20 -24.74 -18.17
CA MET B 591 14.61 -23.38 -17.85
C MET B 591 14.67 -22.45 -19.03
N ASN B 592 14.82 -22.95 -20.26
CA ASN B 592 14.82 -22.13 -21.46
C ASN B 592 13.70 -22.48 -22.42
N ASN B 593 13.49 -23.76 -22.69
CA ASN B 593 12.44 -24.19 -23.60
C ASN B 593 11.08 -24.02 -22.92
N PHE B 594 10.30 -23.04 -23.39
CA PHE B 594 8.96 -22.85 -22.85
C PHE B 594 8.03 -24.00 -23.21
N GLN B 595 8.37 -24.78 -24.24
CA GLN B 595 7.58 -25.91 -24.68
C GLN B 595 8.14 -27.24 -24.19
N VAL B 596 8.69 -27.27 -22.98
CA VAL B 596 9.29 -28.49 -22.46
C VAL B 596 8.27 -29.60 -22.37
N MET B 597 7.08 -29.30 -21.82
CA MET B 597 6.04 -30.32 -21.73
C MET B 597 5.46 -30.64 -23.11
N SER B 598 5.57 -29.71 -24.06
CA SER B 598 5.17 -30.03 -25.43
C SER B 598 6.14 -31.02 -26.06
N MET B 599 7.44 -30.86 -25.78
CA MET B 599 8.43 -31.74 -26.36
C MET B 599 8.44 -33.11 -25.68
N VAL B 600 8.15 -33.16 -24.37
CA VAL B 600 8.21 -34.43 -23.67
C VAL B 600 7.13 -35.40 -24.14
N SER B 601 5.95 -34.88 -24.50
CA SER B 601 4.85 -35.74 -24.89
C SER B 601 5.05 -36.27 -26.31
N GLY B 602 4.48 -37.44 -26.57
CA GLY B 602 4.45 -37.96 -27.92
C GLY B 602 3.39 -37.28 -28.76
N PHE B 603 3.62 -37.32 -30.08
CA PHE B 603 2.75 -36.65 -31.04
C PHE B 603 2.62 -35.17 -30.71
N THR B 604 3.75 -34.47 -30.82
CA THR B 604 3.87 -33.03 -30.58
C THR B 604 2.78 -32.21 -31.26
N PRO B 605 2.29 -32.60 -32.45
CA PRO B 605 1.10 -31.93 -32.98
C PRO B 605 -0.09 -31.93 -32.02
N LEU B 606 -0.31 -33.02 -31.29
CA LEU B 606 -1.41 -33.04 -30.32
C LEU B 606 -1.18 -32.03 -29.20
N ILE B 607 0.06 -31.93 -28.71
CA ILE B 607 0.36 -30.96 -27.65
C ILE B 607 0.16 -29.53 -28.16
N SER B 608 0.62 -29.25 -29.37
CA SER B 608 0.42 -27.92 -29.94
C SER B 608 -1.05 -27.61 -30.14
N ALA B 609 -1.82 -28.60 -30.58
CA ALA B 609 -3.26 -28.41 -30.73
C ALA B 609 -3.92 -28.13 -29.39
N GLY B 610 -3.47 -28.82 -28.33
CA GLY B 610 -3.97 -28.52 -27.01
C GLY B 610 -3.64 -27.11 -26.56
N ILE B 611 -2.43 -26.65 -26.87
CA ILE B 611 -2.05 -25.28 -26.53
C ILE B 611 -2.94 -24.28 -27.25
N PHE B 612 -3.17 -24.49 -28.54
CA PHE B 612 -4.06 -23.61 -29.29
C PHE B 612 -5.47 -23.65 -28.73
N SER B 613 -5.95 -24.84 -28.37
CA SER B 613 -7.28 -24.97 -27.80
C SER B 613 -7.41 -24.17 -26.50
N ALA B 614 -6.43 -24.33 -25.61
CA ALA B 614 -6.48 -23.61 -24.34
C ALA B 614 -6.46 -22.11 -24.56
N THR B 615 -5.52 -21.62 -25.36
CA THR B 615 -5.39 -20.18 -25.57
C THR B 615 -6.64 -19.61 -26.23
N LEU B 616 -7.12 -20.25 -27.30
CA LEU B 616 -8.29 -19.75 -28.01
C LEU B 616 -9.53 -19.79 -27.14
N SER B 617 -9.74 -20.88 -26.39
CA SER B 617 -10.93 -20.98 -25.55
C SER B 617 -10.91 -19.93 -24.46
N SER B 618 -9.77 -19.76 -23.79
CA SER B 618 -9.69 -18.74 -22.75
C SER B 618 -9.90 -17.34 -23.32
N ALA B 619 -9.31 -17.05 -24.48
CA ALA B 619 -9.48 -15.75 -25.11
C ALA B 619 -10.93 -15.51 -25.48
N LEU B 620 -11.59 -16.50 -26.08
CA LEU B 620 -12.98 -16.34 -26.47
C LEU B 620 -13.87 -16.13 -25.25
N ALA B 621 -13.63 -16.88 -24.17
CA ALA B 621 -14.42 -16.71 -22.97
C ALA B 621 -14.24 -15.31 -22.38
N SER B 622 -13.00 -14.83 -22.31
CA SER B 622 -12.75 -13.50 -21.76
C SER B 622 -13.35 -12.41 -22.64
N LEU B 623 -13.26 -12.57 -23.96
CA LEU B 623 -13.77 -11.55 -24.88
C LEU B 623 -15.28 -11.55 -24.93
N VAL B 624 -15.91 -12.68 -24.60
CA VAL B 624 -17.36 -12.68 -24.40
C VAL B 624 -17.71 -12.02 -23.07
N SER B 625 -16.92 -12.30 -22.02
CA SER B 625 -17.28 -11.85 -20.68
C SER B 625 -17.16 -10.34 -20.54
N ALA B 626 -16.10 -9.74 -21.10
CA ALA B 626 -15.82 -8.33 -20.79
C ALA B 626 -16.90 -7.38 -21.28
N PRO B 627 -17.18 -7.28 -22.59
CA PRO B 627 -18.17 -6.29 -23.03
C PRO B 627 -19.58 -6.63 -22.57
N LYS B 628 -19.88 -7.89 -22.31
CA LYS B 628 -21.17 -8.21 -21.69
C LYS B 628 -21.28 -7.60 -20.31
N ILE B 629 -20.21 -7.62 -19.53
CA ILE B 629 -20.19 -6.90 -18.25
C ILE B 629 -20.30 -5.40 -18.46
N PHE B 630 -19.61 -4.85 -19.47
CA PHE B 630 -19.79 -3.44 -19.82
C PHE B 630 -21.26 -3.11 -20.01
N GLN B 631 -21.97 -3.91 -20.81
CA GLN B 631 -23.37 -3.63 -21.09
C GLN B 631 -24.25 -3.86 -19.87
N ALA B 632 -23.94 -4.88 -19.07
CA ALA B 632 -24.78 -5.22 -17.92
C ALA B 632 -24.70 -4.16 -16.83
N LEU B 633 -23.49 -3.73 -16.47
CA LEU B 633 -23.31 -2.81 -15.36
C LEU B 633 -23.22 -1.36 -15.79
N CYS B 634 -23.27 -1.08 -17.09
CA CYS B 634 -23.32 0.27 -17.63
C CYS B 634 -24.39 0.34 -18.73
N LYS B 635 -25.58 -0.18 -18.41
CA LYS B 635 -26.65 -0.27 -19.39
C LYS B 635 -27.12 1.09 -19.92
N ASP B 636 -26.82 2.17 -19.21
CA ASP B 636 -27.21 3.49 -19.66
C ASP B 636 -26.32 4.04 -20.77
N ASN B 637 -25.19 3.40 -21.05
CA ASN B 637 -24.22 3.88 -22.04
C ASN B 637 -23.86 5.34 -21.78
N ILE B 638 -23.44 5.61 -20.55
CA ILE B 638 -23.30 6.97 -20.05
C ILE B 638 -22.20 7.72 -20.80
N TYR B 639 -20.95 7.26 -20.68
CA TYR B 639 -19.84 8.00 -21.24
C TYR B 639 -19.83 7.92 -22.77
N PRO B 640 -19.53 6.76 -23.34
CA PRO B 640 -19.40 6.67 -24.80
C PRO B 640 -20.63 6.13 -25.50
N ALA B 641 -20.76 6.44 -26.80
CA ALA B 641 -21.73 5.80 -27.69
C ALA B 641 -20.97 5.46 -28.97
N PHE B 642 -20.34 4.29 -29.00
CA PHE B 642 -19.53 3.91 -30.15
C PHE B 642 -20.40 3.57 -31.35
N GLN B 643 -21.43 2.76 -31.14
CA GLN B 643 -22.33 2.33 -32.20
C GLN B 643 -23.75 2.81 -31.89
N MET B 644 -24.70 2.41 -32.72
CA MET B 644 -26.10 2.75 -32.53
C MET B 644 -26.83 1.81 -31.59
N PHE B 645 -26.10 0.93 -30.90
CA PHE B 645 -26.65 -0.03 -29.94
C PHE B 645 -27.58 -1.04 -30.62
N ALA B 646 -27.65 -1.00 -31.95
CA ALA B 646 -28.41 -1.96 -32.73
C ALA B 646 -27.53 -2.74 -33.71
N LYS B 647 -26.69 -2.06 -34.46
CA LYS B 647 -25.79 -2.69 -35.40
C LYS B 647 -24.45 -2.97 -34.72
N GLY B 648 -23.46 -3.40 -35.50
CA GLY B 648 -22.16 -3.70 -34.93
C GLY B 648 -21.19 -4.13 -36.00
N TYR B 649 -20.10 -4.77 -35.56
CA TYR B 649 -19.05 -5.24 -36.46
C TYR B 649 -19.07 -6.77 -36.48
N GLY B 650 -19.21 -7.34 -37.67
CA GLY B 650 -19.23 -8.77 -37.83
C GLY B 650 -20.07 -9.15 -39.04
N LYS B 651 -20.28 -10.45 -39.19
CA LYS B 651 -21.09 -10.95 -40.30
C LYS B 651 -22.54 -10.50 -40.17
N ASN B 652 -23.09 -10.54 -38.95
CA ASN B 652 -24.46 -10.12 -38.68
C ASN B 652 -24.45 -9.03 -37.61
N ASN B 653 -25.38 -8.08 -37.74
CA ASN B 653 -25.47 -7.00 -36.76
C ASN B 653 -25.89 -7.54 -35.40
N GLU B 654 -25.29 -6.99 -34.35
CA GLU B 654 -25.56 -7.41 -32.98
C GLU B 654 -25.79 -6.17 -32.14
N PRO B 655 -26.89 -6.10 -31.36
CA PRO B 655 -27.14 -4.91 -30.54
C PRO B 655 -26.31 -4.86 -29.27
N LEU B 656 -25.00 -5.10 -29.38
CA LEU B 656 -24.09 -5.05 -28.24
C LEU B 656 -23.41 -3.70 -28.12
N ARG B 657 -22.67 -3.29 -29.17
CA ARG B 657 -22.02 -1.99 -29.25
C ARG B 657 -20.96 -1.79 -28.17
N GLY B 658 -20.67 -2.84 -27.41
CA GLY B 658 -19.66 -2.74 -26.36
C GLY B 658 -18.40 -3.53 -26.66
N TYR B 659 -18.43 -4.30 -27.75
CA TYR B 659 -17.28 -5.14 -28.09
C TYR B 659 -16.10 -4.28 -28.54
N ILE B 660 -16.38 -3.14 -29.17
CA ILE B 660 -15.33 -2.39 -29.87
C ILE B 660 -14.33 -1.77 -28.89
N LEU B 661 -14.79 -1.30 -27.73
CA LEU B 661 -13.87 -0.66 -26.79
C LEU B 661 -12.95 -1.69 -26.15
N THR B 662 -13.51 -2.85 -25.76
CA THR B 662 -12.68 -3.92 -25.22
C THR B 662 -11.68 -4.41 -26.26
N PHE B 663 -12.12 -4.51 -27.52
CA PHE B 663 -11.20 -4.86 -28.59
C PHE B 663 -10.09 -3.83 -28.75
N LEU B 664 -10.43 -2.54 -28.64
CA LEU B 664 -9.41 -1.50 -28.77
C LEU B 664 -8.36 -1.65 -27.67
N ILE B 665 -8.81 -1.86 -26.43
CA ILE B 665 -7.86 -2.04 -25.33
C ILE B 665 -7.01 -3.29 -25.55
N ALA B 666 -7.66 -4.39 -25.95
CA ALA B 666 -6.93 -5.64 -26.16
C ALA B 666 -5.88 -5.49 -27.24
N LEU B 667 -6.24 -4.89 -28.38
CA LEU B 667 -5.27 -4.70 -29.45
C LEU B 667 -4.15 -3.76 -29.03
N GLY B 668 -4.48 -2.69 -28.30
CA GLY B 668 -3.45 -1.81 -27.79
C GLY B 668 -2.44 -2.54 -26.93
N PHE B 669 -2.92 -3.47 -26.10
CA PHE B 669 -1.99 -4.28 -25.31
C PHE B 669 -1.30 -5.34 -26.17
N ILE B 670 -1.90 -5.71 -27.30
CA ILE B 670 -1.22 -6.60 -28.26
C ILE B 670 -0.09 -5.87 -28.96
N LEU B 671 -0.12 -4.54 -28.99
CA LEU B 671 0.93 -3.77 -29.64
C LEU B 671 2.29 -3.98 -29.00
N ILE B 672 2.37 -4.69 -27.87
CA ILE B 672 3.63 -5.12 -27.30
C ILE B 672 3.70 -6.64 -27.37
N ALA B 673 4.87 -7.21 -27.09
CA ALA B 673 5.10 -8.63 -27.33
C ALA B 673 5.73 -9.28 -26.11
N GLU B 674 5.87 -10.61 -26.21
CA GLU B 674 6.57 -11.45 -25.24
C GLU B 674 5.79 -11.63 -23.94
N CYS B 675 4.68 -10.91 -23.80
CA CYS B 675 3.68 -11.12 -22.74
C CYS B 675 4.26 -11.12 -21.34
N ASN B 676 5.54 -10.75 -21.21
CA ASN B 676 6.18 -10.82 -19.90
C ASN B 676 5.72 -9.69 -19.00
N VAL B 677 5.53 -8.49 -19.55
CA VAL B 677 5.12 -7.35 -18.74
C VAL B 677 3.60 -7.31 -18.60
N ILE B 678 2.89 -8.06 -19.45
CA ILE B 678 1.43 -8.10 -19.37
C ILE B 678 0.91 -8.80 -18.14
N ALA B 679 1.53 -9.91 -17.73
CA ALA B 679 1.06 -10.67 -16.58
C ALA B 679 1.04 -9.82 -15.31
N PRO B 680 2.03 -8.92 -15.07
CA PRO B 680 1.90 -8.00 -13.95
C PRO B 680 0.59 -7.22 -13.96
N ILE B 681 0.14 -6.80 -15.15
CA ILE B 681 -1.14 -6.12 -15.28
C ILE B 681 -2.31 -7.07 -15.01
N ILE B 682 -2.20 -8.33 -15.41
CA ILE B 682 -3.28 -9.30 -15.15
C ILE B 682 -3.45 -9.52 -13.66
N SER B 683 -2.34 -9.81 -12.97
CA SER B 683 -2.42 -10.21 -11.57
C SER B 683 -2.96 -9.08 -10.71
N ASN B 684 -2.44 -7.86 -10.91
CA ASN B 684 -2.86 -6.75 -10.08
C ASN B 684 -4.35 -6.46 -10.25
N PHE B 685 -4.83 -6.45 -11.49
CA PHE B 685 -6.23 -6.10 -11.73
C PHE B 685 -7.17 -7.19 -11.29
N PHE B 686 -6.86 -8.46 -11.56
CA PHE B 686 -7.70 -9.55 -11.08
C PHE B 686 -7.73 -9.60 -9.56
N LEU B 687 -6.57 -9.42 -8.91
CA LEU B 687 -6.53 -9.41 -7.46
C LEU B 687 -7.33 -8.23 -6.91
N ALA B 688 -7.26 -7.06 -7.55
CA ALA B 688 -8.02 -5.92 -7.09
C ALA B 688 -9.52 -6.18 -7.21
N SER B 689 -9.95 -6.75 -8.33
CA SER B 689 -11.37 -7.06 -8.51
C SER B 689 -11.84 -8.08 -7.46
N TYR B 690 -11.05 -9.12 -7.23
CA TYR B 690 -11.43 -10.14 -6.26
C TYR B 690 -11.47 -9.56 -4.85
N ALA B 691 -10.49 -8.72 -4.50
CA ALA B 691 -10.48 -8.11 -3.17
C ALA B 691 -11.68 -7.18 -2.99
N LEU B 692 -12.02 -6.41 -4.03
CA LEU B 692 -13.19 -5.54 -3.94
C LEU B 692 -14.47 -6.34 -3.78
N ILE B 693 -14.59 -7.44 -4.53
CA ILE B 693 -15.78 -8.28 -4.42
C ILE B 693 -15.89 -8.87 -3.02
N ASN B 694 -14.77 -9.38 -2.50
CA ASN B 694 -14.77 -9.96 -1.16
C ASN B 694 -15.10 -8.92 -0.10
N PHE B 695 -14.53 -7.73 -0.21
CA PHE B 695 -14.83 -6.68 0.76
C PHE B 695 -16.29 -6.24 0.69
N SER B 696 -16.84 -6.14 -0.52
CA SER B 696 -18.24 -5.76 -0.66
C SER B 696 -19.17 -6.82 -0.07
N VAL B 697 -18.89 -8.09 -0.33
CA VAL B 697 -19.76 -9.14 0.21
C VAL B 697 -19.59 -9.23 1.72
N PHE B 698 -18.39 -8.93 2.24
CA PHE B 698 -18.20 -8.88 3.68
C PHE B 698 -19.03 -7.76 4.31
N HIS B 699 -18.88 -6.53 3.79
CA HIS B 699 -19.56 -5.40 4.39
C HIS B 699 -21.07 -5.54 4.24
N ALA B 700 -21.52 -6.22 3.19
CA ALA B 700 -22.94 -6.55 3.07
C ALA B 700 -23.39 -7.49 4.18
N SER B 701 -22.51 -8.36 4.66
CA SER B 701 -22.83 -9.27 5.76
C SER B 701 -22.43 -8.71 7.12
N LEU B 702 -21.77 -7.55 7.16
CA LEU B 702 -21.40 -6.89 8.40
C LEU B 702 -22.40 -5.81 8.79
N ALA B 703 -22.71 -4.90 7.87
CA ALA B 703 -23.72 -3.90 8.11
C ALA B 703 -25.10 -4.55 8.18
N LYS B 704 -26.11 -3.76 8.57
CA LYS B 704 -27.46 -4.29 8.65
C LYS B 704 -27.93 -4.88 7.33
N SER B 705 -27.83 -4.10 6.24
CA SER B 705 -28.15 -4.51 4.87
C SER B 705 -29.45 -5.30 4.83
N PRO B 706 -30.60 -4.65 4.98
CA PRO B 706 -31.88 -5.40 5.05
C PRO B 706 -32.20 -6.17 3.79
N GLY B 707 -31.63 -5.81 2.65
CA GLY B 707 -31.86 -6.52 1.41
C GLY B 707 -30.81 -7.56 1.06
N TRP B 708 -29.98 -7.96 2.02
CA TRP B 708 -28.83 -8.84 1.71
C TRP B 708 -29.24 -10.31 1.69
N ARG B 709 -29.65 -10.84 2.85
CA ARG B 709 -30.18 -12.19 3.04
C ARG B 709 -29.52 -13.28 2.21
N PRO B 710 -28.28 -13.67 2.51
CA PRO B 710 -27.67 -14.81 1.81
C PRO B 710 -28.41 -16.11 2.09
N ALA B 711 -28.29 -17.06 1.15
CA ALA B 711 -28.90 -18.37 1.29
C ALA B 711 -27.89 -19.50 1.13
N PHE B 712 -26.61 -19.19 0.96
CA PHE B 712 -25.62 -20.23 0.73
C PHE B 712 -25.20 -20.88 2.05
N LYS B 713 -25.09 -22.21 2.03
CA LYS B 713 -24.85 -22.94 3.28
C LYS B 713 -23.45 -22.69 3.83
N TYR B 714 -22.43 -22.80 2.98
CA TYR B 714 -21.04 -22.71 3.42
C TYR B 714 -20.47 -21.30 3.38
N TYR B 715 -21.28 -20.30 3.01
CA TYR B 715 -20.78 -18.93 2.97
C TYR B 715 -20.55 -18.40 4.38
N ASN B 716 -19.36 -17.87 4.63
CA ASN B 716 -19.02 -17.27 5.91
C ASN B 716 -18.43 -15.89 5.66
N MET B 717 -18.74 -14.95 6.56
CA MET B 717 -18.28 -13.58 6.40
C MET B 717 -16.81 -13.43 6.74
N TRP B 718 -16.34 -14.14 7.77
CA TRP B 718 -14.96 -13.94 8.21
C TRP B 718 -13.96 -14.57 7.26
N ILE B 719 -14.32 -15.69 6.61
CA ILE B 719 -13.44 -16.23 5.58
C ILE B 719 -13.37 -15.26 4.40
N SER B 720 -14.46 -14.56 4.10
CA SER B 720 -14.41 -13.54 3.05
C SER B 720 -13.51 -12.38 3.45
N LEU B 721 -13.55 -11.98 4.73
CA LEU B 721 -12.59 -10.98 5.21
C LEU B 721 -11.17 -11.47 5.04
N LEU B 722 -10.91 -12.73 5.41
CA LEU B 722 -9.58 -13.28 5.28
C LEU B 722 -9.12 -13.27 3.82
N GLY B 723 -10.01 -13.65 2.92
CA GLY B 723 -9.66 -13.63 1.50
C GLY B 723 -9.36 -12.23 1.00
N ALA B 724 -10.17 -11.24 1.39
CA ALA B 724 -9.93 -9.87 0.96
C ALA B 724 -8.60 -9.35 1.49
N ILE B 725 -8.31 -9.61 2.77
CA ILE B 725 -7.05 -9.16 3.35
C ILE B 725 -5.87 -9.87 2.69
N LEU B 726 -6.01 -11.17 2.40
CA LEU B 726 -4.94 -11.90 1.74
C LEU B 726 -4.69 -11.34 0.34
N CYS B 727 -5.76 -11.02 -0.38
CA CYS B 727 -5.60 -10.41 -1.70
C CYS B 727 -4.87 -9.09 -1.61
N CYS B 728 -5.24 -8.25 -0.63
CA CYS B 728 -4.58 -6.95 -0.49
C CYS B 728 -3.10 -7.13 -0.14
N ILE B 729 -2.79 -8.03 0.79
CA ILE B 729 -1.40 -8.25 1.20
C ILE B 729 -0.58 -8.76 0.01
N VAL B 730 -1.11 -9.74 -0.70
CA VAL B 730 -0.39 -10.30 -1.85
C VAL B 730 -0.20 -9.22 -2.92
N MET B 731 -1.21 -8.38 -3.12
CA MET B 731 -1.08 -7.27 -4.05
C MET B 731 0.08 -6.36 -3.67
N PHE B 732 0.13 -5.97 -2.39
CA PHE B 732 1.09 -4.93 -2.01
C PHE B 732 2.50 -5.48 -1.88
N VAL B 733 2.64 -6.77 -1.56
CA VAL B 733 3.98 -7.37 -1.56
C VAL B 733 4.55 -7.38 -2.96
N ILE B 734 3.72 -7.67 -3.97
CA ILE B 734 4.15 -7.65 -5.36
C ILE B 734 4.11 -6.22 -5.88
N ASN B 735 5.29 -5.61 -6.02
CA ASN B 735 5.44 -4.33 -6.70
C ASN B 735 4.53 -3.27 -6.06
N TRP B 736 4.87 -2.94 -4.81
CA TRP B 736 4.01 -2.14 -3.94
C TRP B 736 3.54 -0.85 -4.61
N TRP B 737 4.43 -0.20 -5.38
CA TRP B 737 4.01 1.02 -6.06
C TRP B 737 2.96 0.73 -7.12
N ALA B 738 3.07 -0.40 -7.83
CA ALA B 738 2.04 -0.77 -8.79
C ALA B 738 0.71 -1.04 -8.10
N ALA B 739 0.76 -1.70 -6.93
CA ALA B 739 -0.47 -1.94 -6.17
C ALA B 739 -1.11 -0.62 -5.74
N LEU B 740 -0.29 0.32 -5.27
CA LEU B 740 -0.82 1.62 -4.87
C LEU B 740 -1.42 2.35 -6.07
N LEU B 741 -0.74 2.28 -7.22
CA LEU B 741 -1.26 2.94 -8.42
C LEU B 741 -2.59 2.34 -8.85
N THR B 742 -2.71 1.01 -8.82
CA THR B 742 -3.98 0.40 -9.25
C THR B 742 -5.10 0.69 -8.26
N TYR B 743 -4.79 0.78 -6.96
CA TYR B 743 -5.80 1.21 -6.00
C TYR B 743 -6.22 2.65 -6.26
N VAL B 744 -5.27 3.52 -6.60
CA VAL B 744 -5.64 4.90 -6.93
C VAL B 744 -6.51 4.94 -8.19
N ILE B 745 -6.19 4.09 -9.17
CA ILE B 745 -6.98 4.07 -10.40
C ILE B 745 -8.41 3.61 -10.11
N VAL B 746 -8.58 2.55 -9.32
CA VAL B 746 -9.93 2.07 -9.03
C VAL B 746 -10.68 3.08 -8.17
N LEU B 747 -9.97 3.79 -7.29
CA LEU B 747 -10.60 4.83 -6.49
C LEU B 747 -11.08 5.98 -7.38
N GLY B 748 -10.24 6.40 -8.33
CA GLY B 748 -10.66 7.42 -9.27
C GLY B 748 -11.84 6.99 -10.11
N LEU B 749 -11.86 5.71 -10.48
CA LEU B 749 -13.04 5.16 -11.16
C LEU B 749 -14.27 5.25 -10.27
N TYR B 750 -14.08 5.05 -8.96
CA TYR B 750 -15.19 5.21 -8.02
C TYR B 750 -15.75 6.62 -8.05
N ILE B 751 -14.87 7.62 -7.94
CA ILE B 751 -15.37 9.00 -8.01
C ILE B 751 -16.03 9.27 -9.35
N TYR B 752 -15.47 8.75 -10.44
CA TYR B 752 -16.07 8.96 -11.75
C TYR B 752 -17.50 8.41 -11.80
N VAL B 753 -17.67 7.15 -11.37
CA VAL B 753 -18.97 6.52 -11.50
C VAL B 753 -19.98 7.14 -10.54
N THR B 754 -19.55 7.54 -9.34
CA THR B 754 -20.48 8.14 -8.39
C THR B 754 -20.71 9.62 -8.65
N TYR B 755 -19.92 10.24 -9.52
CA TYR B 755 -20.09 11.65 -9.86
C TYR B 755 -20.94 11.83 -11.11
N LYS B 756 -20.60 11.09 -12.18
CA LYS B 756 -21.44 11.18 -13.37
C LYS B 756 -22.76 10.44 -13.18
N LYS B 757 -22.71 9.27 -12.56
CA LYS B 757 -23.90 8.48 -12.23
C LYS B 757 -24.79 8.22 -13.44
#